data_5KSR
#
_entry.id   5KSR
#
_cell.length_a   172.336
_cell.length_b   84.170
_cell.length_c   87.310
_cell.angle_alpha   90.00
_cell.angle_beta   96.62
_cell.angle_gamma   90.00
#
_symmetry.space_group_name_H-M   'C 1 2 1'
#
loop_
_entity.id
_entity.type
_entity.pdbx_description
1 polymer "5'-nucleotidase SurE"
2 non-polymer 'MANGANESE (II) ION'
3 non-polymer 'IODIDE ION'
4 non-polymer 'CHLORIDE ION'
5 water water
#
_entity_poly.entity_id   1
_entity_poly.type   'polypeptide(L)'
_entity_poly.pdbx_seq_one_letter_code
;MRVLVSNDDGVDAPGIKILADALRNAGHEVMVVAPDRDRSGASNSLTLDTPIRAKQIDMHTYSVAGTPTDCVHLALTGLL
NYDPDIVVSGINNTGNLGDDVIYSGTVSAAMEGRFLGLPAVAVSLVTLYREGQQAPQYETAAHAAINIVAQLKTDPLPAD
TILNVNVPDVTWQQMRGFKVTRLGNRHRSAPCLTQTDPRGHTIYWIGPAGPEQDAGPGTDFDAVRNTYISITPIHVDLTR
YQALENVTRWTDRLTAHMDWPTLEHHHHHH
;
_entity_poly.pdbx_strand_id   A,B,C,D
#
loop_
_chem_comp.id
_chem_comp.type
_chem_comp.name
_chem_comp.formula
CL non-polymer 'CHLORIDE ION' 'Cl -1'
IOD non-polymer 'IODIDE ION' 'I -1'
MN non-polymer 'MANGANESE (II) ION' 'Mn 2'
#
# COMPACT_ATOMS: atom_id res chain seq x y z
N MET A 1 -20.36 29.69 17.06
CA MET A 1 -18.89 29.71 16.94
C MET A 1 -18.37 29.20 15.56
N ARG A 2 -17.04 29.24 15.31
CA ARG A 2 -16.44 28.72 14.08
C ARG A 2 -15.84 27.30 14.29
N VAL A 3 -16.31 26.30 13.53
CA VAL A 3 -15.83 24.90 13.65
C VAL A 3 -15.08 24.43 12.40
N LEU A 4 -13.98 23.66 12.60
CA LEU A 4 -13.32 22.87 11.54
C LEU A 4 -13.58 21.32 11.70
N VAL A 5 -14.08 20.67 10.63
CA VAL A 5 -14.49 19.24 10.62
C VAL A 5 -13.66 18.39 9.62
N SER A 6 -13.18 17.20 10.06
CA SER A 6 -12.43 16.20 9.24
C SER A 6 -12.91 14.74 9.64
N ASN A 7 -12.36 13.68 9.00
CA ASN A 7 -12.62 12.21 9.31
C ASN A 7 -11.53 11.23 8.78
N ASP A 8 -11.80 9.91 8.86
CA ASP A 8 -10.89 8.84 8.35
C ASP A 8 -11.49 8.12 7.12
N ASP A 9 -12.83 8.11 7.02
CA ASP A 9 -13.57 7.37 5.96
C ASP A 9 -13.70 8.04 4.59
N GLY A 10 -13.33 9.32 4.49
CA GLY A 10 -13.45 10.07 3.24
C GLY A 10 -14.55 11.14 3.13
N VAL A 11 -14.30 12.15 2.27
CA VAL A 11 -15.22 13.30 2.08
C VAL A 11 -16.61 12.92 1.53
N ASP A 12 -16.71 11.76 0.88
CA ASP A 12 -18.03 11.32 0.37
C ASP A 12 -18.87 10.42 1.31
N ALA A 13 -18.37 10.12 2.52
CA ALA A 13 -19.07 9.21 3.46
C ALA A 13 -20.35 9.79 4.13
N PRO A 14 -21.35 8.92 4.44
CA PRO A 14 -22.61 9.45 4.99
C PRO A 14 -22.54 10.11 6.37
N GLY A 15 -21.68 9.64 7.28
CA GLY A 15 -21.59 10.21 8.61
C GLY A 15 -21.02 11.63 8.71
N ILE A 16 -20.03 11.99 7.87
CA ILE A 16 -19.50 13.38 7.88
C ILE A 16 -20.51 14.42 7.34
N LYS A 17 -21.36 14.00 6.40
CA LYS A 17 -22.42 14.86 5.86
C LYS A 17 -23.47 15.21 6.91
N ILE A 18 -23.93 14.19 7.61
CA ILE A 18 -24.99 14.38 8.62
C ILE A 18 -24.53 15.24 9.81
N LEU A 19 -23.26 15.09 10.20
CA LEU A 19 -22.62 15.93 11.25
C LEU A 19 -22.51 17.43 10.85
N ALA A 20 -21.92 17.71 9.69
CA ALA A 20 -21.80 19.10 9.22
C ALA A 20 -23.15 19.82 9.04
N ASP A 21 -24.16 19.14 8.51
CA ASP A 21 -25.50 19.74 8.35
C ASP A 21 -26.20 20.11 9.69
N ALA A 22 -26.06 19.27 10.71
CA ALA A 22 -26.72 19.53 12.01
C ALA A 22 -26.05 20.72 12.71
N LEU A 23 -24.72 20.81 12.61
CA LEU A 23 -23.98 21.96 13.17
C LEU A 23 -24.36 23.32 12.55
N ARG A 24 -24.46 23.39 11.23
CA ARG A 24 -24.94 24.62 10.55
C ARG A 24 -26.37 25.05 10.93
N ASN A 25 -27.28 24.09 11.00
CA ASN A 25 -28.67 24.37 11.38
C ASN A 25 -28.84 24.92 12.80
N ALA A 26 -27.86 24.63 13.64
CA ALA A 26 -27.82 25.11 15.01
C ALA A 26 -27.20 26.51 15.13
N GLY A 27 -26.71 27.07 14.01
CA GLY A 27 -26.26 28.46 13.96
C GLY A 27 -24.73 28.70 14.01
N HIS A 28 -23.93 27.64 13.82
CA HIS A 28 -22.46 27.77 13.71
C HIS A 28 -21.97 27.90 12.26
N GLU A 29 -20.79 28.50 12.04
CA GLU A 29 -20.08 28.42 10.73
C GLU A 29 -19.20 27.14 10.68
N VAL A 30 -19.18 26.44 9.54
CA VAL A 30 -18.45 25.16 9.38
C VAL A 30 -17.67 25.10 8.06
N MET A 31 -16.36 24.81 8.13
CA MET A 31 -15.56 24.42 6.95
C MET A 31 -15.17 22.92 7.03
N VAL A 32 -15.26 22.18 5.90
CA VAL A 32 -14.86 20.75 5.83
C VAL A 32 -13.55 20.53 4.99
N VAL A 33 -12.55 19.87 5.58
CA VAL A 33 -11.31 19.47 4.87
C VAL A 33 -11.02 17.98 5.21
N ALA A 34 -11.05 17.08 4.21
CA ALA A 34 -11.03 15.61 4.45
C ALA A 34 -10.42 14.76 3.30
N PRO A 35 -9.95 13.50 3.58
CA PRO A 35 -9.30 12.68 2.52
C PRO A 35 -10.14 12.36 1.26
N ASP A 36 -9.47 12.23 0.10
CA ASP A 36 -10.19 11.87 -1.13
C ASP A 36 -10.70 10.40 -1.20
N ARG A 37 -10.16 9.49 -0.37
CA ARG A 37 -10.67 8.10 -0.25
C ARG A 37 -10.55 7.50 1.18
N ASP A 38 -11.13 6.32 1.42
CA ASP A 38 -11.05 5.63 2.71
C ASP A 38 -9.60 5.26 3.04
N ARG A 39 -9.15 5.69 4.22
CA ARG A 39 -7.73 5.71 4.57
C ARG A 39 -7.31 4.57 5.51
N SER A 40 -8.29 3.85 6.04
CA SER A 40 -8.04 2.76 6.97
C SER A 40 -7.04 1.75 6.40
N GLY A 41 -5.83 1.70 6.97
CA GLY A 41 -4.83 0.75 6.51
C GLY A 41 -3.43 1.29 6.21
N ALA A 42 -3.28 2.61 6.12
CA ALA A 42 -1.96 3.24 5.95
C ALA A 42 -1.48 3.90 7.25
N SER A 43 -0.21 4.33 7.31
CA SER A 43 0.37 5.02 8.49
C SER A 43 -0.39 6.34 8.80
N ASN A 44 -0.49 6.75 10.08
CA ASN A 44 -1.09 8.05 10.48
C ASN A 44 -0.06 9.24 10.43
N SER A 45 1.24 8.98 10.16
CA SER A 45 2.30 10.03 10.19
C SER A 45 2.07 11.21 9.19
N LEU A 46 2.61 12.41 9.46
CA LEU A 46 2.63 13.49 8.46
C LEU A 46 3.50 13.16 7.22
N THR A 47 3.07 13.62 6.04
CA THR A 47 3.80 13.41 4.77
C THR A 47 4.89 14.47 4.48
N LEU A 48 6.16 14.05 4.55
CA LEU A 48 7.31 14.98 4.39
C LEU A 48 8.17 14.86 3.10
N ASP A 49 8.28 13.66 2.54
CA ASP A 49 9.22 13.40 1.42
C ASP A 49 8.70 13.71 0.00
N THR A 50 7.39 13.96 -0.12
CA THR A 50 6.73 14.35 -1.38
C THR A 50 5.74 15.51 -1.13
N PRO A 51 5.35 16.25 -2.20
CA PRO A 51 4.29 17.28 -2.11
C PRO A 51 2.85 16.72 -2.23
N ILE A 52 1.84 17.49 -1.80
CA ILE A 52 0.43 17.06 -1.63
C ILE A 52 -0.53 17.90 -2.51
N ARG A 53 -1.56 17.28 -3.12
CA ARG A 53 -2.58 18.01 -3.92
C ARG A 53 -3.96 18.17 -3.25
N ALA A 54 -4.66 19.26 -3.56
CA ALA A 54 -5.97 19.55 -2.95
C ALA A 54 -6.95 20.24 -3.93
N LYS A 55 -8.24 19.92 -3.82
CA LYS A 55 -9.26 20.37 -4.76
C LYS A 55 -10.49 20.96 -4.06
N GLN A 56 -10.86 22.19 -4.44
CA GLN A 56 -12.03 22.85 -3.85
C GLN A 56 -13.32 22.33 -4.50
N ILE A 57 -14.14 21.59 -3.76
CA ILE A 57 -15.41 21.00 -4.23
C ILE A 57 -16.57 22.02 -4.31
N ASP A 58 -16.81 22.75 -3.23
CA ASP A 58 -17.69 23.92 -3.25
C ASP A 58 -17.17 25.06 -2.37
N MET A 59 -18.07 25.96 -1.98
CA MET A 59 -17.70 27.13 -1.18
C MET A 59 -17.05 26.84 0.20
N HIS A 60 -17.54 25.83 0.91
CA HIS A 60 -17.01 25.49 2.24
C HIS A 60 -16.48 24.03 2.32
N THR A 61 -16.04 23.45 1.20
CA THR A 61 -15.61 22.02 1.14
C THR A 61 -14.33 21.72 0.31
N TYR A 62 -13.39 20.95 0.88
CA TYR A 62 -12.10 20.64 0.21
C TYR A 62 -11.73 19.15 0.30
N SER A 63 -11.19 18.59 -0.80
CA SER A 63 -10.77 17.17 -0.90
C SER A 63 -9.22 17.07 -1.03
N VAL A 64 -8.54 16.32 -0.14
CA VAL A 64 -7.05 16.24 -0.07
C VAL A 64 -6.47 14.82 -0.32
N ALA A 65 -5.50 14.70 -1.23
CA ALA A 65 -4.88 13.40 -1.48
C ALA A 65 -3.74 13.08 -0.48
N GLY A 66 -4.11 12.75 0.77
CA GLY A 66 -3.17 12.49 1.87
C GLY A 66 -3.83 11.99 3.17
N THR A 67 -3.12 12.07 4.32
CA THR A 67 -3.61 11.53 5.60
C THR A 67 -4.58 12.46 6.36
N PRO A 68 -5.31 11.94 7.39
CA PRO A 68 -6.09 12.86 8.26
C PRO A 68 -5.24 13.94 9.00
N THR A 69 -4.01 13.58 9.42
CA THR A 69 -3.11 14.57 10.01
C THR A 69 -2.68 15.62 8.96
N ASP A 70 -2.48 15.21 7.70
CA ASP A 70 -2.16 16.17 6.60
C ASP A 70 -3.33 17.20 6.40
N CYS A 71 -4.58 16.72 6.46
CA CYS A 71 -5.75 17.63 6.27
C CYS A 71 -5.79 18.78 7.30
N VAL A 72 -5.73 18.42 8.59
CA VAL A 72 -5.75 19.40 9.69
C VAL A 72 -4.53 20.37 9.68
N HIS A 73 -3.31 19.83 9.44
CA HIS A 73 -2.07 20.66 9.40
C HIS A 73 -2.13 21.76 8.33
N LEU A 74 -2.43 21.38 7.08
CA LEU A 74 -2.54 22.38 5.99
C LEU A 74 -3.62 23.45 6.27
N ALA A 75 -4.76 23.01 6.79
CA ALA A 75 -5.89 23.92 7.09
C ALA A 75 -5.55 25.01 8.12
N LEU A 76 -4.62 24.70 9.02
CA LEU A 76 -4.26 25.65 10.08
C LEU A 76 -2.97 26.46 9.82
N THR A 77 -2.23 26.11 8.77
CA THR A 77 -0.93 26.75 8.50
C THR A 77 -0.82 27.48 7.16
N GLY A 78 -1.96 27.79 6.52
CA GLY A 78 -1.90 28.53 5.27
C GLY A 78 -2.86 28.25 4.11
N LEU A 79 -3.48 27.07 4.07
CA LEU A 79 -4.44 26.80 3.00
C LEU A 79 -5.71 27.71 2.99
N LEU A 80 -6.18 28.14 4.18
CA LEU A 80 -7.44 28.93 4.31
C LEU A 80 -7.28 30.31 4.97
N ASN A 81 -8.16 31.27 4.65
CA ASN A 81 -8.29 32.48 5.49
C ASN A 81 -9.43 32.40 6.53
N TYR A 82 -9.20 31.61 7.57
CA TYR A 82 -10.25 31.17 8.51
C TYR A 82 -9.57 30.90 9.86
N ASP A 83 -10.17 31.36 10.96
CA ASP A 83 -9.62 31.20 12.33
C ASP A 83 -10.55 30.40 13.30
N PRO A 84 -10.48 29.04 13.29
CA PRO A 84 -11.40 28.20 14.10
C PRO A 84 -11.23 28.23 15.66
N ASP A 85 -12.34 28.08 16.37
CA ASP A 85 -12.35 27.99 17.85
C ASP A 85 -12.18 26.53 18.39
N ILE A 86 -12.45 25.51 17.55
CA ILE A 86 -12.45 24.05 17.96
C ILE A 86 -12.42 23.08 16.71
N VAL A 87 -11.82 21.88 16.86
CA VAL A 87 -11.81 20.81 15.81
C VAL A 87 -12.73 19.62 16.23
N VAL A 88 -13.58 19.10 15.32
CA VAL A 88 -14.39 17.87 15.59
C VAL A 88 -14.20 16.81 14.48
N SER A 89 -13.82 15.56 14.84
CA SER A 89 -13.53 14.47 13.88
C SER A 89 -14.56 13.34 13.95
N GLY A 90 -15.19 12.97 12.81
CA GLY A 90 -16.27 11.95 12.76
C GLY A 90 -17.42 12.23 11.76
N ILE A 91 -18.57 11.55 11.85
CA ILE A 91 -18.87 10.44 12.78
C ILE A 91 -18.40 9.10 12.14
N ASN A 92 -17.53 8.33 12.84
CA ASN A 92 -17.00 7.03 12.30
C ASN A 92 -18.06 5.90 12.23
N ASN A 93 -17.95 5.02 11.22
CA ASN A 93 -18.94 3.95 11.00
C ASN A 93 -18.85 2.70 11.90
N THR A 94 -17.79 2.59 12.72
CA THR A 94 -17.67 1.54 13.79
C THR A 94 -17.08 2.15 15.10
N GLY A 95 -17.11 1.40 16.22
CA GLY A 95 -16.59 1.89 17.49
C GLY A 95 -15.05 2.05 17.57
N ASN A 96 -14.58 2.91 18.48
CA ASN A 96 -13.11 3.07 18.78
C ASN A 96 -12.88 2.97 20.32
N LEU A 97 -12.69 1.73 20.83
CA LEU A 97 -12.69 1.45 22.29
C LEU A 97 -11.39 0.77 22.85
N GLY A 98 -11.09 1.03 24.13
CA GLY A 98 -9.98 0.35 24.82
C GLY A 98 -8.60 0.39 24.15
N ASP A 99 -8.06 -0.81 23.89
CA ASP A 99 -6.74 -0.97 23.26
CA ASP A 99 -6.74 -0.96 23.28
C ASP A 99 -6.65 -0.61 21.78
N ASP A 100 -7.79 -0.33 21.15
CA ASP A 100 -7.78 0.13 19.76
C ASP A 100 -7.57 1.67 19.64
N VAL A 101 -7.55 2.41 20.76
CA VAL A 101 -7.51 3.91 20.68
C VAL A 101 -6.15 4.51 20.15
N ILE A 102 -5.00 3.96 20.58
CA ILE A 102 -3.70 4.55 20.17
C ILE A 102 -3.43 4.64 18.64
N TYR A 103 -3.82 3.62 17.88
CA TYR A 103 -3.60 3.66 16.39
C TYR A 103 -4.85 4.02 15.50
N SER A 104 -5.92 4.55 16.11
CA SER A 104 -7.15 4.95 15.37
C SER A 104 -6.98 6.19 14.44
N GLY A 105 -7.37 6.10 13.17
CA GLY A 105 -7.25 7.28 12.29
C GLY A 105 -8.20 8.47 12.62
N THR A 106 -9.39 8.15 13.14
CA THR A 106 -10.36 9.21 13.58
C THR A 106 -9.75 10.07 14.71
N VAL A 107 -9.19 9.39 15.72
CA VAL A 107 -8.51 10.02 16.85
C VAL A 107 -7.28 10.85 16.41
N SER A 108 -6.52 10.38 15.40
CA SER A 108 -5.33 11.14 14.91
C SER A 108 -5.63 12.58 14.41
N ALA A 109 -6.80 12.81 13.79
CA ALA A 109 -7.14 14.20 13.36
C ALA A 109 -7.37 15.16 14.54
N ALA A 110 -8.02 14.65 15.60
CA ALA A 110 -8.15 15.38 16.87
C ALA A 110 -6.84 15.71 17.56
N MET A 111 -5.89 14.78 17.53
CA MET A 111 -4.57 14.97 18.14
C MET A 111 -3.80 16.15 17.48
N GLU A 112 -3.87 16.27 16.17
CA GLU A 112 -3.14 17.36 15.48
C GLU A 112 -3.74 18.76 15.79
N GLY A 113 -5.03 18.80 16.09
CA GLY A 113 -5.67 20.02 16.58
C GLY A 113 -5.07 20.57 17.89
N ARG A 114 -4.85 19.67 18.85
CA ARG A 114 -4.38 20.02 20.19
C ARG A 114 -2.86 20.35 20.23
N PHE A 115 -2.03 19.59 19.51
CA PHE A 115 -0.61 19.91 19.33
C PHE A 115 -0.39 21.32 18.78
N LEU A 116 -1.40 21.86 18.09
CA LEU A 116 -1.30 23.18 17.50
C LEU A 116 -2.16 24.24 18.22
N GLY A 117 -2.64 23.93 19.44
CA GLY A 117 -3.27 24.93 20.28
C GLY A 117 -4.78 25.07 20.50
N LEU A 118 -5.61 24.21 19.91
CA LEU A 118 -7.09 24.32 20.04
C LEU A 118 -7.76 23.17 20.86
N PRO A 119 -8.94 23.43 21.46
CA PRO A 119 -9.68 22.28 22.03
C PRO A 119 -10.06 21.23 20.92
N ALA A 120 -10.20 19.91 21.25
CA ALA A 120 -10.62 18.85 20.27
C ALA A 120 -11.52 17.67 20.77
N VAL A 121 -12.44 17.19 19.91
CA VAL A 121 -13.38 16.08 20.19
C VAL A 121 -13.44 14.99 19.07
N ALA A 122 -13.43 13.68 19.43
CA ALA A 122 -13.64 12.55 18.48
C ALA A 122 -14.98 11.83 18.73
N VAL A 123 -15.77 11.54 17.67
CA VAL A 123 -17.11 10.87 17.79
C VAL A 123 -17.25 9.59 16.90
N SER A 124 -17.61 8.45 17.52
CA SER A 124 -17.83 7.14 16.83
C SER A 124 -19.20 6.42 17.16
N LEU A 125 -19.78 5.71 16.17
CA LEU A 125 -21.03 4.91 16.38
C LEU A 125 -20.76 3.39 16.54
N VAL A 126 -21.25 2.79 17.63
CA VAL A 126 -20.98 1.36 17.94
C VAL A 126 -21.92 0.36 17.22
N THR A 127 -21.71 0.15 15.91
CA THR A 127 -22.53 -0.79 15.12
C THR A 127 -22.17 -2.26 15.43
N LEU A 128 -23.18 -3.15 15.51
CA LEU A 128 -22.95 -4.59 15.77
C LEU A 128 -23.23 -5.45 14.51
N TYR A 129 -22.63 -6.63 14.45
CA TYR A 129 -22.76 -7.51 13.28
C TYR A 129 -22.29 -6.86 11.99
N GLN A 134 -31.34 -2.39 7.01
CA GLN A 134 -30.67 -1.74 8.13
C GLN A 134 -30.00 -0.42 7.72
N ALA A 135 -30.34 0.66 8.44
CA ALA A 135 -29.70 1.96 8.22
C ALA A 135 -29.25 2.57 9.55
N PRO A 136 -27.93 2.80 9.71
CA PRO A 136 -27.29 3.26 10.96
C PRO A 136 -27.93 4.53 11.55
N GLN A 137 -27.95 4.61 12.89
CA GLN A 137 -28.61 5.74 13.56
C GLN A 137 -27.68 6.96 13.68
N TYR A 138 -27.21 7.47 12.55
CA TYR A 138 -26.34 8.67 12.55
C TYR A 138 -26.98 9.92 13.20
N GLU A 139 -28.31 10.07 13.06
CA GLU A 139 -29.01 11.19 13.70
C GLU A 139 -28.92 11.25 15.24
N THR A 140 -29.03 10.10 15.90
CA THR A 140 -28.79 10.00 17.35
C THR A 140 -27.38 10.53 17.76
N ALA A 141 -26.33 10.13 17.04
CA ALA A 141 -24.96 10.61 17.35
C ALA A 141 -24.75 12.12 17.11
N ALA A 142 -25.41 12.67 16.10
CA ALA A 142 -25.31 14.11 15.82
C ALA A 142 -25.99 15.00 16.90
N HIS A 143 -27.09 14.52 17.48
CA HIS A 143 -27.79 15.19 18.60
C HIS A 143 -26.90 15.28 19.83
N ALA A 144 -26.13 14.22 20.11
CA ALA A 144 -25.18 14.26 21.22
C ALA A 144 -24.05 15.30 20.99
N ALA A 145 -23.51 15.33 19.76
CA ALA A 145 -22.40 16.24 19.41
C ALA A 145 -22.75 17.74 19.48
N ILE A 146 -23.94 18.13 19.01
CA ILE A 146 -24.28 19.55 19.06
C ILE A 146 -24.51 20.03 20.50
N ASN A 147 -24.96 19.16 21.39
CA ASN A 147 -25.18 19.57 22.78
C ASN A 147 -23.84 19.70 23.55
N ILE A 148 -22.87 18.84 23.21
CA ILE A 148 -21.53 18.90 23.82
C ILE A 148 -20.79 20.17 23.38
N VAL A 149 -20.91 20.52 22.09
CA VAL A 149 -20.22 21.70 21.54
C VAL A 149 -20.75 23.02 22.14
N ALA A 150 -22.07 23.17 22.24
CA ALA A 150 -22.65 24.34 22.90
C ALA A 150 -22.16 24.53 24.35
N GLN A 151 -22.18 23.45 25.13
CA GLN A 151 -21.75 23.52 26.54
C GLN A 151 -20.27 23.94 26.73
N LEU A 152 -19.39 23.56 25.79
CA LEU A 152 -17.97 23.94 25.86
C LEU A 152 -17.74 25.46 25.71
N LYS A 153 -18.72 26.15 25.12
CA LYS A 153 -18.63 27.60 24.96
C LYS A 153 -18.92 28.33 26.26
N THR A 154 -20.10 28.07 26.84
CA THR A 154 -20.58 28.76 28.02
C THR A 154 -19.91 28.26 29.30
N ASP A 155 -19.55 26.97 29.31
CA ASP A 155 -18.98 26.34 30.48
C ASP A 155 -17.75 25.55 30.05
N PRO A 156 -16.60 26.23 29.92
CA PRO A 156 -15.38 25.68 29.34
C PRO A 156 -14.51 24.78 30.24
N LEU A 157 -13.82 23.83 29.60
CA LEU A 157 -12.85 22.97 30.27
C LEU A 157 -11.43 23.39 29.90
N PRO A 158 -10.44 23.04 30.74
CA PRO A 158 -9.03 23.28 30.39
C PRO A 158 -8.59 22.49 29.16
N ALA A 159 -7.96 23.19 28.22
CA ALA A 159 -7.59 22.62 26.93
C ALA A 159 -6.21 21.91 26.93
N ASP A 160 -6.07 20.84 27.70
CA ASP A 160 -4.81 20.08 27.72
C ASP A 160 -5.07 18.56 27.78
N THR A 161 -6.10 18.16 27.04
CA THR A 161 -6.58 16.78 27.01
C THR A 161 -7.58 16.80 25.86
N ILE A 162 -8.00 15.64 25.38
CA ILE A 162 -9.10 15.60 24.43
C ILE A 162 -10.21 14.61 24.87
N LEU A 163 -11.45 14.81 24.39
CA LEU A 163 -12.56 13.93 24.79
C LEU A 163 -12.85 12.82 23.74
N ASN A 164 -12.77 11.52 24.08
CA ASN A 164 -13.08 10.41 23.13
C ASN A 164 -14.55 9.92 23.43
N VAL A 165 -15.49 10.15 22.50
CA VAL A 165 -16.95 9.83 22.69
C VAL A 165 -17.46 8.61 21.84
N ASN A 166 -18.11 7.60 22.46
CA ASN A 166 -18.75 6.44 21.76
C ASN A 166 -20.30 6.35 22.03
N VAL A 167 -21.11 6.22 20.95
CA VAL A 167 -22.61 6.25 21.00
C VAL A 167 -23.29 4.91 20.56
N PRO A 168 -24.06 4.26 21.46
CA PRO A 168 -24.83 3.06 21.07
C PRO A 168 -25.76 3.27 19.85
N ASP A 169 -25.86 2.27 18.98
CA ASP A 169 -26.64 2.33 17.73
C ASP A 169 -28.16 2.07 17.93
N VAL A 170 -28.86 3.01 18.58
CA VAL A 170 -30.32 2.90 18.86
C VAL A 170 -31.05 4.26 18.67
N THR A 171 -32.40 4.27 18.79
CA THR A 171 -33.17 5.55 18.82
C THR A 171 -32.97 6.32 20.12
N TRP A 172 -33.10 7.66 20.06
CA TRP A 172 -32.91 8.49 21.26
C TRP A 172 -33.81 8.06 22.42
N GLN A 173 -35.00 7.57 22.10
CA GLN A 173 -35.97 7.21 23.14
C GLN A 173 -35.47 6.07 24.06
N GLN A 174 -34.58 5.23 23.53
CA GLN A 174 -34.06 4.05 24.23
C GLN A 174 -32.85 4.34 25.13
N MET A 175 -32.16 5.46 24.89
CA MET A 175 -30.95 5.80 25.64
C MET A 175 -31.21 6.06 27.13
N ARG A 176 -30.30 5.57 27.98
CA ARG A 176 -30.42 5.67 29.43
C ARG A 176 -29.74 6.89 30.13
N GLY A 177 -28.67 7.43 29.55
CA GLY A 177 -27.95 8.58 30.13
C GLY A 177 -26.51 8.74 29.60
N PHE A 178 -25.68 9.59 30.25
CA PHE A 178 -24.23 9.71 29.95
C PHE A 178 -23.41 9.09 31.11
N LYS A 179 -22.16 8.64 30.85
CA LYS A 179 -21.26 8.13 31.92
C LYS A 179 -19.76 8.44 31.64
N VAL A 180 -18.99 8.86 32.65
CA VAL A 180 -17.53 9.11 32.50
C VAL A 180 -16.73 7.82 32.88
N THR A 181 -15.78 7.42 32.01
CA THR A 181 -15.12 6.09 32.06
C THR A 181 -13.59 6.09 31.86
N ARG A 182 -12.95 4.94 32.17
CA ARG A 182 -11.54 4.64 31.83
C ARG A 182 -11.46 3.65 30.62
N LEU A 183 -10.30 3.56 29.94
CA LEU A 183 -10.08 2.55 28.86
C LEU A 183 -10.02 1.10 29.40
N GLY A 184 -10.72 0.16 28.73
CA GLY A 184 -10.64 -1.27 29.08
C GLY A 184 -9.59 -2.00 28.22
N ASN A 185 -9.52 -3.35 28.28
CA ASN A 185 -8.63 -4.16 27.39
C ASN A 185 -9.24 -5.48 26.89
N ARG A 186 -8.94 -5.84 25.63
CA ARG A 186 -9.59 -6.98 24.98
CA ARG A 186 -9.59 -6.97 24.98
C ARG A 186 -8.65 -7.99 24.30
N HIS A 187 -7.58 -7.51 23.67
CA HIS A 187 -6.74 -8.41 22.86
C HIS A 187 -5.65 -9.17 23.64
N ARG A 188 -5.42 -8.81 24.90
CA ARG A 188 -4.33 -9.39 25.69
C ARG A 188 -4.39 -10.92 25.73
N SER A 189 -5.59 -11.47 25.85
CA SER A 189 -5.80 -12.91 25.93
C SER A 189 -6.01 -13.63 24.59
N ALA A 190 -6.26 -12.86 23.52
CA ALA A 190 -6.58 -13.41 22.18
C ALA A 190 -5.52 -14.39 21.63
N PRO A 191 -5.89 -15.68 21.50
CA PRO A 191 -4.94 -16.77 21.19
C PRO A 191 -4.52 -16.98 19.71
N CYS A 192 -3.37 -17.62 19.53
CA CYS A 192 -2.87 -18.06 18.22
C CYS A 192 -3.53 -19.39 17.81
N LEU A 193 -4.09 -19.43 16.60
CA LEU A 193 -4.75 -20.61 16.08
C LEU A 193 -4.05 -21.14 14.82
N THR A 194 -3.80 -22.45 14.80
CA THR A 194 -3.12 -23.09 13.67
C THR A 194 -4.07 -23.91 12.77
N GLN A 195 -4.25 -23.50 11.51
CA GLN A 195 -5.07 -24.22 10.50
C GLN A 195 -4.33 -24.54 9.19
N THR A 196 -5.03 -25.11 8.20
CA THR A 196 -4.42 -25.44 6.88
C THR A 196 -5.12 -24.80 5.66
N ASP A 197 -4.34 -24.47 4.63
CA ASP A 197 -4.88 -23.88 3.38
C ASP A 197 -5.32 -24.97 2.37
N PRO A 198 -5.88 -24.57 1.21
CA PRO A 198 -6.32 -25.66 0.32
C PRO A 198 -5.22 -26.56 -0.26
N ARG A 199 -3.94 -26.24 -0.05
CA ARG A 199 -2.87 -27.13 -0.53
C ARG A 199 -2.26 -28.00 0.57
N GLY A 200 -2.77 -27.87 1.79
CA GLY A 200 -2.22 -28.59 2.93
C GLY A 200 -1.17 -27.85 3.77
N HIS A 201 -0.89 -26.59 3.46
CA HIS A 201 0.11 -25.81 4.22
C HIS A 201 -0.43 -25.08 5.46
N THR A 202 0.45 -24.88 6.46
CA THR A 202 0.11 -24.21 7.73
C THR A 202 -0.01 -22.67 7.69
N ILE A 203 -1.14 -22.15 8.22
CA ILE A 203 -1.37 -20.71 8.43
C ILE A 203 -1.86 -20.41 9.88
N TYR A 204 -1.67 -19.19 10.34
CA TYR A 204 -2.06 -18.78 11.71
C TYR A 204 -3.15 -17.71 11.75
N TRP A 205 -4.13 -17.83 12.65
CA TRP A 205 -5.07 -16.71 12.89
C TRP A 205 -4.91 -16.17 14.32
N ILE A 206 -5.22 -14.88 14.50
CA ILE A 206 -5.41 -14.28 15.83
C ILE A 206 -6.91 -14.37 16.21
N GLY A 207 -7.26 -15.32 17.08
CA GLY A 207 -8.64 -15.65 17.41
C GLY A 207 -9.35 -14.74 18.38
N PRO A 208 -10.67 -14.93 18.56
CA PRO A 208 -11.51 -14.05 19.37
C PRO A 208 -11.17 -14.08 20.87
N ALA A 209 -11.57 -13.01 21.56
CA ALA A 209 -11.29 -12.84 22.98
C ALA A 209 -12.23 -13.66 23.87
N GLY A 210 -11.66 -14.38 24.83
CA GLY A 210 -12.44 -15.14 25.81
C GLY A 210 -12.92 -14.29 26.98
N PRO A 211 -13.53 -14.95 27.98
CA PRO A 211 -14.16 -14.30 29.14
C PRO A 211 -13.20 -13.62 30.13
N GLU A 212 -11.89 -13.82 29.98
CA GLU A 212 -10.90 -13.23 30.89
C GLU A 212 -10.56 -11.75 30.60
N GLN A 213 -11.32 -11.11 29.72
CA GLN A 213 -11.03 -9.72 29.34
C GLN A 213 -11.34 -8.68 30.44
N ASP A 214 -10.71 -7.50 30.32
CA ASP A 214 -10.91 -6.38 31.26
C ASP A 214 -12.05 -5.48 30.77
N ALA A 215 -13.29 -5.86 31.10
CA ALA A 215 -14.45 -5.16 30.54
C ALA A 215 -15.65 -4.97 31.50
N GLY A 216 -15.37 -4.83 32.79
CA GLY A 216 -16.40 -4.71 33.80
C GLY A 216 -16.66 -3.27 34.27
N PRO A 217 -17.34 -3.12 35.43
CA PRO A 217 -17.78 -1.83 35.95
C PRO A 217 -16.69 -0.74 35.96
N GLY A 218 -17.00 0.44 35.43
CA GLY A 218 -16.00 1.49 35.32
C GLY A 218 -15.43 1.71 33.92
N THR A 219 -15.42 0.66 33.09
CA THR A 219 -14.80 0.73 31.75
C THR A 219 -15.71 1.29 30.64
N ASP A 220 -15.09 1.73 29.54
CA ASP A 220 -15.82 2.12 28.33
C ASP A 220 -16.72 1.01 27.72
N PHE A 221 -16.22 -0.23 27.64
CA PHE A 221 -17.01 -1.40 27.21
C PHE A 221 -18.35 -1.65 27.97
N ASP A 222 -18.32 -1.60 29.31
CA ASP A 222 -19.51 -1.89 30.15
C ASP A 222 -20.61 -0.82 29.94
N ALA A 223 -20.17 0.42 29.73
CA ALA A 223 -21.14 1.52 29.57
C ALA A 223 -22.01 1.36 28.31
N VAL A 224 -21.36 1.19 27.16
CA VAL A 224 -22.07 1.07 25.88
C VAL A 224 -22.85 -0.25 25.79
N ARG A 225 -22.34 -1.31 26.43
CA ARG A 225 -23.07 -2.59 26.49
C ARG A 225 -24.41 -2.44 27.20
N ASN A 226 -24.50 -1.51 28.15
CA ASN A 226 -25.71 -1.29 28.94
C ASN A 226 -26.53 -0.04 28.52
N THR A 227 -26.30 0.43 27.29
CA THR A 227 -27.03 1.56 26.68
C THR A 227 -26.83 2.99 27.27
N TYR A 228 -25.60 3.33 27.69
CA TYR A 228 -25.20 4.70 28.05
C TYR A 228 -24.18 5.22 27.02
N ILE A 229 -24.13 6.54 26.82
CA ILE A 229 -23.06 7.19 26.01
C ILE A 229 -21.78 7.31 26.85
N SER A 230 -20.63 6.84 26.34
CA SER A 230 -19.33 6.88 27.05
C SER A 230 -18.44 8.11 26.70
N ILE A 231 -17.91 8.82 27.72
CA ILE A 231 -16.90 9.90 27.59
C ILE A 231 -15.59 9.59 28.40
N THR A 232 -14.45 9.43 27.70
CA THR A 232 -13.11 9.20 28.32
C THR A 232 -12.15 10.36 28.02
N PRO A 233 -11.64 11.08 29.05
CA PRO A 233 -10.60 12.10 28.77
C PRO A 233 -9.21 11.42 28.56
N ILE A 234 -8.48 11.73 27.49
CA ILE A 234 -7.15 11.10 27.21
C ILE A 234 -5.93 12.07 27.14
N HIS A 235 -4.71 11.50 27.30
CA HIS A 235 -3.44 12.26 27.29
C HIS A 235 -3.11 12.84 25.91
N VAL A 236 -2.55 14.04 25.88
CA VAL A 236 -1.92 14.58 24.64
C VAL A 236 -0.38 14.50 24.61
N ASP A 237 0.25 14.41 25.78
CA ASP A 237 1.72 14.32 25.92
C ASP A 237 2.08 12.93 26.51
N LEU A 238 2.86 12.13 25.78
CA LEU A 238 3.25 10.78 26.26
C LEU A 238 4.34 10.71 27.37
N THR A 239 4.94 11.85 27.75
CA THR A 239 5.90 11.88 28.86
C THR A 239 5.30 11.50 30.23
N ARG A 240 5.91 10.50 30.90
CA ARG A 240 5.46 10.08 32.24
C ARG A 240 6.11 10.88 33.39
N TYR A 241 5.64 12.12 33.60
CA TYR A 241 6.23 13.07 34.57
C TYR A 241 6.41 12.51 35.99
N GLN A 242 5.44 11.75 36.46
CA GLN A 242 5.49 11.19 37.81
C GLN A 242 6.61 10.17 38.04
N ALA A 243 7.30 9.74 36.98
CA ALA A 243 8.41 8.78 37.14
C ALA A 243 9.81 9.40 37.00
N LEU A 244 9.86 10.70 36.71
CA LEU A 244 11.13 11.38 36.40
C LEU A 244 12.17 11.40 37.54
N GLU A 245 11.74 11.67 38.78
CA GLU A 245 12.71 11.76 39.89
C GLU A 245 13.37 10.41 40.19
N ASN A 246 12.58 9.35 40.22
CA ASN A 246 13.09 8.01 40.47
C ASN A 246 14.03 7.50 39.36
N VAL A 247 13.65 7.70 38.09
CA VAL A 247 14.49 7.29 36.96
C VAL A 247 15.83 8.05 36.95
N THR A 248 15.83 9.30 37.44
CA THR A 248 17.06 10.09 37.58
C THR A 248 18.07 9.50 38.59
N ARG A 249 17.61 9.07 39.77
CA ARG A 249 18.50 8.46 40.75
CA ARG A 249 18.51 8.46 40.74
C ARG A 249 19.11 7.14 40.24
N TRP A 250 18.33 6.39 39.47
CA TRP A 250 18.74 5.12 38.86
C TRP A 250 19.86 5.32 37.84
N THR A 251 19.70 6.35 37.02
CA THR A 251 20.67 6.68 35.98
C THR A 251 21.99 7.18 36.61
N ASP A 252 21.91 7.86 37.75
CA ASP A 252 23.11 8.30 38.46
C ASP A 252 23.97 7.11 38.89
N ARG A 253 23.33 6.07 39.44
CA ARG A 253 24.04 4.85 39.86
C ARG A 253 24.66 4.10 38.68
N LEU A 254 23.92 4.00 37.57
CA LEU A 254 24.44 3.38 36.34
C LEU A 254 25.73 4.06 35.85
N THR A 255 25.76 5.39 35.90
CA THR A 255 26.88 6.15 35.38
C THR A 255 28.16 6.05 36.22
N ALA A 256 28.01 5.89 37.54
CA ALA A 256 29.18 5.72 38.42
C ALA A 256 29.89 4.37 38.18
N HIS A 257 29.12 3.40 37.70
CA HIS A 257 29.60 2.04 37.44
C HIS A 257 30.54 1.98 36.23
N MET A 258 30.09 2.54 35.10
CA MET A 258 30.85 2.53 33.86
C MET A 258 32.11 3.40 33.93
N ASP A 259 32.16 4.29 34.92
CA ASP A 259 33.31 5.15 35.12
C ASP A 259 34.17 4.64 36.26
N MET B 1 19.84 -13.71 31.47
CA MET B 1 18.38 -13.82 31.38
C MET B 1 17.92 -14.30 29.99
N ARG B 2 16.60 -14.53 29.80
CA ARG B 2 16.03 -14.81 28.47
CA ARG B 2 16.01 -14.83 28.48
C ARG B 2 15.41 -13.54 27.84
N VAL B 3 15.85 -13.21 26.61
CA VAL B 3 15.40 -11.97 25.88
C VAL B 3 14.68 -12.30 24.56
N LEU B 4 13.58 -11.59 24.25
CA LEU B 4 12.97 -11.64 22.90
C LEU B 4 13.25 -10.31 22.12
N VAL B 5 13.81 -10.42 20.89
CA VAL B 5 14.22 -9.28 20.02
C VAL B 5 13.38 -9.16 18.71
N SER B 6 12.91 -7.94 18.35
CA SER B 6 12.17 -7.63 17.08
C SER B 6 12.63 -6.24 16.50
N ASN B 7 12.02 -5.75 15.39
CA ASN B 7 12.33 -4.41 14.77
C ASN B 7 11.25 -3.92 13.77
N ASP B 8 11.50 -2.78 13.09
CA ASP B 8 10.59 -2.25 12.03
C ASP B 8 11.21 -2.37 10.62
N ASP B 9 12.56 -2.45 10.52
CA ASP B 9 13.26 -2.51 9.21
C ASP B 9 13.41 -3.88 8.52
N GLY B 10 13.05 -4.98 9.20
CA GLY B 10 13.17 -6.33 8.65
C GLY B 10 14.29 -7.25 9.18
N VAL B 11 14.06 -8.56 9.08
CA VAL B 11 14.97 -9.61 9.62
C VAL B 11 16.38 -9.59 8.99
N ASP B 12 16.49 -9.03 7.78
CA ASP B 12 17.79 -8.96 7.09
C ASP B 12 18.60 -7.66 7.30
N ALA B 13 18.10 -6.72 8.12
CA ALA B 13 18.80 -5.42 8.29
C ALA B 13 20.06 -5.53 9.18
N PRO B 14 21.07 -4.65 8.97
CA PRO B 14 22.32 -4.82 9.74
C PRO B 14 22.25 -4.49 11.25
N GLY B 15 21.37 -3.58 11.67
CA GLY B 15 21.24 -3.21 13.07
C GLY B 15 20.69 -4.29 14.02
N ILE B 16 19.76 -5.12 13.54
CA ILE B 16 19.22 -6.23 14.36
C ILE B 16 20.23 -7.40 14.55
N LYS B 17 21.08 -7.65 13.57
CA LYS B 17 22.10 -8.72 13.76
C LYS B 17 23.18 -8.31 14.76
N ILE B 18 23.63 -7.07 14.68
CA ILE B 18 24.68 -6.60 15.61
C ILE B 18 24.19 -6.54 17.07
N LEU B 19 22.91 -6.22 17.29
CA LEU B 19 22.30 -6.23 18.64
C LEU B 19 22.20 -7.65 19.24
N ALA B 20 21.64 -8.58 18.47
CA ALA B 20 21.53 -9.99 18.92
C ALA B 20 22.88 -10.64 19.28
N ASP B 21 23.90 -10.46 18.43
CA ASP B 21 25.24 -11.02 18.69
C ASP B 21 25.91 -10.49 19.98
N ALA B 22 25.74 -9.21 20.25
CA ALA B 22 26.34 -8.58 21.44
C ALA B 22 25.67 -9.07 22.73
N LEU B 23 24.34 -9.28 22.67
CA LEU B 23 23.60 -9.88 23.78
C LEU B 23 24.02 -11.33 24.11
N ARG B 24 24.17 -12.19 23.10
CA ARG B 24 24.63 -13.58 23.35
C ARG B 24 26.07 -13.68 23.93
N ASN B 25 26.95 -12.79 23.45
CA ASN B 25 28.34 -12.79 23.91
C ASN B 25 28.48 -12.30 25.35
N ALA B 26 27.47 -11.59 25.83
CA ALA B 26 27.38 -11.15 27.21
C ALA B 26 26.81 -12.23 28.13
N GLY B 27 26.38 -13.35 27.56
CA GLY B 27 25.91 -14.50 28.33
C GLY B 27 24.39 -14.74 28.48
N HIS B 28 23.57 -14.05 27.69
CA HIS B 28 22.10 -14.25 27.67
C HIS B 28 21.63 -15.20 26.55
N GLU B 29 20.44 -15.81 26.73
CA GLU B 29 19.74 -16.53 25.64
C GLU B 29 18.85 -15.55 24.82
N VAL B 30 18.83 -15.68 23.48
CA VAL B 30 18.11 -14.73 22.59
C VAL B 30 17.35 -15.46 21.47
N MET B 31 16.04 -15.19 21.33
CA MET B 31 15.24 -15.60 20.16
C MET B 31 14.82 -14.35 19.35
N VAL B 32 14.91 -14.42 18.01
CA VAL B 32 14.52 -13.30 17.09
C VAL B 32 13.25 -13.62 16.24
N VAL B 33 12.20 -12.77 16.34
CA VAL B 33 10.94 -12.88 15.54
C VAL B 33 10.65 -11.47 14.93
N ALA B 34 10.78 -11.30 13.60
CA ALA B 34 10.74 -9.97 12.90
C ALA B 34 10.15 -10.00 11.45
N PRO B 35 9.71 -8.85 10.89
CA PRO B 35 9.08 -8.82 9.54
C PRO B 35 9.94 -9.29 8.33
N ASP B 36 9.28 -9.86 7.32
CA ASP B 36 9.98 -10.32 6.11
C ASP B 36 10.53 -9.19 5.20
N ARG B 37 10.00 -7.97 5.34
CA ARG B 37 10.57 -6.79 4.65
C ARG B 37 10.39 -5.46 5.42
N ASP B 38 11.06 -4.39 4.95
CA ASP B 38 10.95 -3.05 5.55
C ASP B 38 9.49 -2.57 5.65
N ARG B 39 9.13 -2.05 6.82
CA ARG B 39 7.73 -1.84 7.20
C ARG B 39 7.27 -0.38 7.27
N SER B 40 8.21 0.57 7.25
CA SER B 40 7.86 1.98 7.31
C SER B 40 6.86 2.37 6.21
N GLY B 41 5.72 2.93 6.61
CA GLY B 41 4.71 3.39 5.66
C GLY B 41 3.33 2.75 5.81
N ALA B 42 3.26 1.68 6.62
CA ALA B 42 2.02 0.91 6.84
C ALA B 42 1.41 1.17 8.25
N SER B 43 0.13 0.85 8.46
CA SER B 43 -0.52 0.98 9.82
C SER B 43 0.17 0.06 10.85
N ASN B 44 0.26 0.48 12.13
CA ASN B 44 0.82 -0.38 13.19
C ASN B 44 -0.21 -1.35 13.86
N SER B 45 -1.51 -1.27 13.52
CA SER B 45 -2.56 -2.12 14.16
C SER B 45 -2.33 -3.66 14.02
N LEU B 46 -2.85 -4.48 14.95
CA LEU B 46 -2.95 -5.95 14.75
C LEU B 46 -3.76 -6.40 13.48
N THR B 47 -3.28 -7.44 12.78
CA THR B 47 -4.01 -7.99 11.60
C THR B 47 -5.14 -9.01 11.98
N LEU B 48 -6.42 -8.63 11.80
CA LEU B 48 -7.57 -9.48 12.21
C LEU B 48 -8.48 -10.10 11.10
N ASP B 49 -8.51 -9.47 9.93
CA ASP B 49 -9.44 -9.85 8.85
C ASP B 49 -8.93 -10.89 7.85
N THR B 50 -7.62 -11.21 7.89
CA THR B 50 -7.02 -12.29 7.09
C THR B 50 -6.01 -13.09 7.95
N PRO B 51 -5.58 -14.29 7.50
CA PRO B 51 -4.55 -15.11 8.18
C PRO B 51 -3.11 -14.72 7.82
N ILE B 52 -2.13 -15.14 8.63
CA ILE B 52 -0.72 -14.71 8.58
C ILE B 52 0.22 -15.93 8.36
N ARG B 53 1.27 -15.79 7.55
CA ARG B 53 2.25 -16.88 7.33
C ARG B 53 3.63 -16.64 8.00
N ALA B 54 4.27 -17.69 8.50
CA ALA B 54 5.61 -17.56 9.11
C ALA B 54 6.59 -18.68 8.69
N LYS B 55 7.90 -18.42 8.79
CA LYS B 55 8.88 -19.40 8.35
C LYS B 55 10.06 -19.48 9.31
N GLN B 56 10.41 -20.70 9.76
CA GLN B 56 11.56 -20.89 10.64
C GLN B 56 12.87 -20.98 9.86
N ILE B 57 13.71 -19.94 9.98
CA ILE B 57 15.01 -19.85 9.29
C ILE B 57 16.12 -20.74 9.91
N ASP B 58 16.30 -20.66 11.23
CA ASP B 58 17.20 -21.58 11.95
C ASP B 58 16.71 -21.89 13.37
N MET B 59 17.59 -22.40 14.22
CA MET B 59 17.17 -22.78 15.57
C MET B 59 16.61 -21.63 16.42
N HIS B 60 17.11 -20.40 16.22
CA HIS B 60 16.72 -19.24 17.03
C HIS B 60 16.13 -18.05 16.22
N THR B 61 15.77 -18.25 14.94
CA THR B 61 15.27 -17.16 14.06
C THR B 61 13.98 -17.48 13.27
N TYR B 62 13.03 -16.52 13.23
CA TYR B 62 11.74 -16.65 12.49
C TYR B 62 11.40 -15.39 11.66
N SER B 63 10.86 -15.58 10.44
CA SER B 63 10.47 -14.50 9.52
C SER B 63 8.93 -14.48 9.29
N VAL B 64 8.25 -13.34 9.58
CA VAL B 64 6.76 -13.20 9.58
C VAL B 64 6.24 -12.19 8.54
N ALA B 65 5.25 -12.60 7.73
CA ALA B 65 4.68 -11.71 6.72
C ALA B 65 3.54 -10.84 7.29
N GLY B 66 3.90 -9.88 8.17
CA GLY B 66 2.94 -9.01 8.88
C GLY B 66 3.62 -7.85 9.60
N THR B 67 2.92 -7.16 10.53
CA THR B 67 3.42 -5.99 11.28
C THR B 67 4.34 -6.31 12.48
N PRO B 68 5.10 -5.30 13.00
CA PRO B 68 5.84 -5.55 14.26
C PRO B 68 4.97 -5.98 15.46
N THR B 69 3.74 -5.42 15.59
CA THR B 69 2.81 -5.89 16.63
C THR B 69 2.36 -7.34 16.41
N ASP B 70 2.13 -7.77 15.17
CA ASP B 70 1.84 -9.22 14.86
C ASP B 70 3.02 -10.14 15.32
N CYS B 71 4.26 -9.72 15.06
CA CYS B 71 5.46 -10.50 15.46
C CYS B 71 5.49 -10.83 16.96
N VAL B 72 5.44 -9.77 17.79
CA VAL B 72 5.44 -9.97 19.26
C VAL B 72 4.19 -10.75 19.82
N HIS B 73 2.98 -10.42 19.33
CA HIS B 73 1.74 -11.11 19.79
C HIS B 73 1.78 -12.64 19.54
N LEU B 74 2.11 -13.07 18.32
CA LEU B 74 2.18 -14.52 18.03
C LEU B 74 3.26 -15.22 18.91
N ALA B 75 4.39 -14.54 19.08
CA ALA B 75 5.52 -15.10 19.86
C ALA B 75 5.17 -15.38 21.32
N LEU B 76 4.28 -14.58 21.90
CA LEU B 76 3.89 -14.71 23.31
C LEU B 76 2.58 -15.51 23.56
N THR B 77 1.85 -15.90 22.51
CA THR B 77 0.56 -16.63 22.67
C THR B 77 0.46 -18.03 22.00
N GLY B 78 1.61 -18.67 21.71
CA GLY B 78 1.58 -20.03 21.19
C GLY B 78 2.56 -20.48 20.10
N LEU B 79 3.15 -19.55 19.35
CA LEU B 79 4.12 -19.94 18.30
C LEU B 79 5.41 -20.62 18.83
N LEU B 80 5.84 -20.26 20.05
CA LEU B 80 7.10 -20.78 20.63
C LEU B 80 6.94 -21.53 21.98
N ASN B 81 7.84 -22.47 22.28
CA ASN B 81 8.00 -22.95 23.66
C ASN B 81 9.16 -22.23 24.37
N TYR B 82 8.91 -20.98 24.80
CA TYR B 82 9.94 -20.05 25.30
C TYR B 82 9.25 -19.07 26.27
N ASP B 83 9.89 -18.81 27.44
CA ASP B 83 9.33 -17.92 28.49
C ASP B 83 10.24 -16.68 28.79
N PRO B 84 10.15 -15.61 27.97
CA PRO B 84 11.06 -14.46 28.12
C PRO B 84 10.88 -13.56 29.36
N ASP B 85 11.99 -13.03 29.88
CA ASP B 85 12.04 -12.06 30.99
C ASP B 85 11.86 -10.56 30.55
N ILE B 86 12.20 -10.22 29.29
CA ILE B 86 12.15 -8.80 28.77
C ILE B 86 12.06 -8.76 27.22
N VAL B 87 11.48 -7.68 26.63
CA VAL B 87 11.48 -7.42 25.16
C VAL B 87 12.36 -6.20 24.80
N VAL B 88 13.26 -6.33 23.81
CA VAL B 88 14.06 -5.18 23.24
C VAL B 88 13.85 -5.03 21.71
N SER B 89 13.51 -3.81 21.21
CA SER B 89 13.20 -3.54 19.79
C SER B 89 14.25 -2.55 19.17
N GLY B 90 14.89 -2.93 18.04
CA GLY B 90 15.94 -2.11 17.38
C GLY B 90 17.09 -2.92 16.75
N ILE B 91 18.26 -2.32 16.49
CA ILE B 91 18.55 -0.86 16.57
C ILE B 91 18.06 -0.19 15.26
N ASN B 92 17.19 0.84 15.35
CA ASN B 92 16.70 1.57 14.15
C ASN B 92 17.76 2.42 13.38
N ASN B 93 17.59 2.53 12.06
CA ASN B 93 18.58 3.25 11.23
C ASN B 93 18.52 4.77 11.25
N THR B 94 17.49 5.34 11.91
CA THR B 94 17.34 6.81 12.14
C THR B 94 16.76 7.11 13.54
N GLY B 95 16.77 8.39 13.94
CA GLY B 95 16.23 8.79 15.25
C GLY B 95 14.69 8.71 15.45
N ASN B 96 14.24 8.49 16.70
CA ASN B 96 12.79 8.56 17.06
C ASN B 96 12.53 9.57 18.24
N LEU B 97 12.39 10.86 17.91
CA LEU B 97 12.31 11.95 18.92
C LEU B 97 10.99 12.81 18.94
N GLY B 98 10.63 13.38 20.10
CA GLY B 98 9.55 14.36 20.18
C GLY B 98 8.18 13.94 19.64
N ASP B 99 7.60 14.75 18.74
CA ASP B 99 6.28 14.47 18.16
CA ASP B 99 6.29 14.48 18.12
C ASP B 99 6.23 13.29 17.17
N ASP B 100 7.36 12.65 16.91
CA ASP B 100 7.35 11.48 16.03
C ASP B 100 7.21 10.15 16.83
N VAL B 101 7.21 10.21 18.17
CA VAL B 101 7.17 8.97 19.00
C VAL B 101 5.82 8.19 18.94
N ILE B 102 4.66 8.89 18.93
CA ILE B 102 3.36 8.16 19.03
C ILE B 102 3.10 7.18 17.87
N TYR B 103 3.52 7.54 16.66
CA TYR B 103 3.31 6.65 15.49
C TYR B 103 4.57 5.83 14.98
N SER B 104 5.64 5.77 15.78
CA SER B 104 6.86 4.98 15.42
C SER B 104 6.64 3.43 15.38
N GLY B 105 7.00 2.78 14.26
CA GLY B 105 6.94 1.32 14.20
C GLY B 105 7.87 0.57 15.19
N THR B 106 9.07 1.11 15.41
CA THR B 106 10.03 0.58 16.43
C THR B 106 9.44 0.58 17.86
N VAL B 107 8.87 1.73 18.25
CA VAL B 107 8.16 1.86 19.54
C VAL B 107 6.94 0.91 19.67
N SER B 108 6.25 0.63 18.56
CA SER B 108 5.04 -0.24 18.64
C SER B 108 5.31 -1.70 19.08
N ALA B 109 6.50 -2.25 18.79
CA ALA B 109 6.83 -3.63 19.25
C ALA B 109 7.03 -3.71 20.77
N ALA B 110 7.73 -2.70 21.31
CA ALA B 110 7.85 -2.53 22.77
C ALA B 110 6.51 -2.40 23.52
N MET B 111 5.56 -1.64 22.94
CA MET B 111 4.22 -1.46 23.51
C MET B 111 3.47 -2.81 23.68
N GLU B 112 3.49 -3.65 22.65
CA GLU B 112 2.74 -4.92 22.69
C GLU B 112 3.33 -5.85 23.76
N GLY B 113 4.62 -5.71 24.04
CA GLY B 113 5.25 -6.40 25.14
C GLY B 113 4.67 -6.06 26.51
N ARG B 114 4.43 -4.78 26.77
CA ARG B 114 3.90 -4.31 28.06
C ARG B 114 2.41 -4.61 28.24
N PHE B 115 1.59 -4.32 27.23
CA PHE B 115 0.18 -4.78 27.21
C PHE B 115 -0.01 -6.25 27.63
N LEU B 116 0.96 -7.09 27.31
CA LEU B 116 0.95 -8.50 27.66
C LEU B 116 1.78 -8.81 28.91
N GLY B 117 2.18 -7.74 29.63
CA GLY B 117 2.76 -7.89 30.96
C GLY B 117 4.25 -8.17 31.18
N LEU B 118 5.14 -7.67 30.32
CA LEU B 118 6.59 -7.74 30.55
C LEU B 118 7.23 -6.34 30.51
N PRO B 119 8.44 -6.18 31.08
CA PRO B 119 9.12 -4.89 30.89
C PRO B 119 9.63 -4.73 29.44
N ALA B 120 9.90 -3.48 28.97
CA ALA B 120 10.37 -3.23 27.58
C ALA B 120 11.23 -1.96 27.29
N VAL B 121 12.13 -2.07 26.29
CA VAL B 121 13.07 -0.99 25.84
C VAL B 121 13.12 -0.82 24.27
N ALA B 122 13.07 0.41 23.75
CA ALA B 122 13.27 0.74 22.31
C ALA B 122 14.63 1.46 22.11
N VAL B 123 15.47 1.07 21.12
CA VAL B 123 16.79 1.74 20.86
C VAL B 123 16.93 2.22 19.39
N SER B 124 17.27 3.51 19.18
CA SER B 124 17.44 4.12 17.84
C SER B 124 18.84 4.86 17.67
N LEU B 125 19.45 4.82 16.47
CA LEU B 125 20.70 5.59 16.16
C LEU B 125 20.43 6.92 15.40
N VAL B 126 20.95 8.04 15.91
CA VAL B 126 20.71 9.38 15.34
C VAL B 126 21.62 9.77 14.16
N THR B 127 21.33 9.24 12.97
CA THR B 127 22.13 9.49 11.78
C THR B 127 21.81 10.87 11.17
N LEU B 128 22.85 11.56 10.67
CA LEU B 128 22.73 12.93 10.13
C LEU B 128 23.01 13.05 8.64
N TYR B 129 22.49 14.12 8.03
CA TYR B 129 22.82 14.47 6.64
C TYR B 129 22.52 13.36 5.64
N ALA B 135 29.97 4.94 7.48
CA ALA B 135 29.56 3.65 8.05
C ALA B 135 29.03 3.79 9.48
N PRO B 136 27.72 3.55 9.65
CA PRO B 136 26.99 3.83 10.90
C PRO B 136 27.59 3.16 12.12
N GLN B 137 27.70 3.87 13.25
CA GLN B 137 28.30 3.29 14.45
C GLN B 137 27.32 2.42 15.26
N TYR B 138 26.83 1.34 14.64
CA TYR B 138 25.97 0.38 15.35
C TYR B 138 26.60 -0.21 16.62
N GLU B 139 27.94 -0.36 16.64
CA GLU B 139 28.62 -0.95 17.81
C GLU B 139 28.51 -0.11 19.09
N THR B 140 28.61 1.21 18.94
CA THR B 140 28.41 2.18 20.01
C THR B 140 27.02 2.01 20.66
N ALA B 141 25.99 1.87 19.82
CA ALA B 141 24.61 1.71 20.30
C ALA B 141 24.39 0.37 21.07
N ALA B 142 25.02 -0.70 20.60
CA ALA B 142 24.96 -2.01 21.28
C ALA B 142 25.62 -2.05 22.67
N HIS B 143 26.76 -1.35 22.81
CA HIS B 143 27.47 -1.29 24.10
C HIS B 143 26.58 -0.59 25.12
N ALA B 144 25.86 0.44 24.70
CA ALA B 144 24.90 1.09 25.62
C ALA B 144 23.75 0.17 26.08
N ALA B 145 23.17 -0.59 25.14
CA ALA B 145 22.05 -1.49 25.42
C ALA B 145 22.38 -2.66 26.39
N ILE B 146 23.57 -3.25 26.29
CA ILE B 146 23.88 -4.36 27.20
C ILE B 146 24.10 -3.88 28.66
N ASN B 147 24.64 -2.68 28.84
CA ASN B 147 24.79 -2.11 30.19
C ASN B 147 23.46 -1.78 30.89
N ILE B 148 22.49 -1.31 30.10
CA ILE B 148 21.14 -1.01 30.58
C ILE B 148 20.39 -2.28 31.01
N VAL B 149 20.44 -3.33 30.16
CA VAL B 149 19.82 -4.62 30.50
C VAL B 149 20.37 -5.28 31.79
N ALA B 150 21.68 -5.28 32.00
CA ALA B 150 22.25 -5.85 33.22
C ALA B 150 21.85 -5.11 34.50
N GLN B 151 21.65 -3.79 34.41
CA GLN B 151 21.27 -3.01 35.58
C GLN B 151 19.79 -3.21 35.96
N LEU B 152 18.92 -3.42 34.96
CA LEU B 152 17.50 -3.71 35.22
C LEU B 152 17.30 -4.98 36.07
N LYS B 153 18.21 -5.93 35.96
CA LYS B 153 18.19 -7.14 36.77
C LYS B 153 18.56 -6.89 38.25
N THR B 154 19.80 -6.48 38.49
CA THR B 154 20.34 -6.33 39.85
C THR B 154 19.87 -5.08 40.62
N ASP B 155 19.06 -4.25 39.99
CA ASP B 155 18.53 -3.04 40.64
C ASP B 155 17.25 -2.61 39.93
N PRO B 156 16.16 -3.35 40.14
CA PRO B 156 14.93 -3.27 39.32
C PRO B 156 14.05 -2.02 39.46
N LEU B 157 13.42 -1.64 38.35
CA LEU B 157 12.44 -0.55 38.30
C LEU B 157 11.02 -1.13 38.19
N PRO B 158 10.00 -0.37 38.65
CA PRO B 158 8.60 -0.82 38.49
C PRO B 158 8.18 -0.91 37.02
N ALA B 159 7.58 -2.04 36.65
CA ALA B 159 7.20 -2.30 35.25
C ALA B 159 5.84 -1.70 34.86
N ASP B 160 5.74 -0.38 34.84
CA ASP B 160 4.50 0.30 34.43
C ASP B 160 4.82 1.43 33.45
N THR B 161 5.94 1.30 32.75
CA THR B 161 6.45 2.31 31.83
CA THR B 161 6.41 2.30 31.80
C THR B 161 7.35 1.65 30.79
N ILE B 162 7.69 2.38 29.73
CA ILE B 162 8.63 1.90 28.70
C ILE B 162 9.79 2.92 28.67
N LEU B 163 11.02 2.46 28.43
CA LEU B 163 12.16 3.39 28.25
C LEU B 163 12.47 3.63 26.75
N ASN B 164 12.39 4.89 26.27
CA ASN B 164 12.74 5.28 24.88
C ASN B 164 14.18 5.89 24.80
N VAL B 165 15.12 5.14 24.20
CA VAL B 165 16.59 5.48 24.15
C VAL B 165 17.09 5.92 22.75
N ASN B 166 17.78 7.09 22.66
CA ASN B 166 18.39 7.65 21.43
C ASN B 166 19.95 7.88 21.54
N VAL B 167 20.75 7.34 20.61
CA VAL B 167 22.24 7.34 20.68
C VAL B 167 22.94 8.15 19.54
N PRO B 168 23.74 9.19 19.88
CA PRO B 168 24.51 9.91 18.86
C PRO B 168 25.43 9.03 17.98
N ASP B 169 25.54 9.36 16.69
CA ASP B 169 26.26 8.57 15.68
C ASP B 169 27.77 8.91 15.68
N VAL B 170 28.46 8.50 16.75
CA VAL B 170 29.91 8.76 16.92
C VAL B 170 30.66 7.60 17.62
N THR B 171 31.98 7.74 17.74
CA THR B 171 32.84 6.80 18.45
C THR B 171 32.66 6.88 19.98
N TRP B 172 32.78 5.76 20.71
CA TRP B 172 32.56 5.77 22.17
C TRP B 172 33.45 6.76 22.92
N GLN B 173 34.66 6.98 22.40
CA GLN B 173 35.62 7.87 23.03
C GLN B 173 35.14 9.33 23.09
N GLN B 174 34.25 9.71 22.17
CA GLN B 174 33.75 11.08 22.05
C GLN B 174 32.48 11.37 22.86
N MET B 175 31.85 10.32 23.39
CA MET B 175 30.61 10.49 24.17
C MET B 175 30.82 11.21 25.51
N ARG B 176 29.85 12.05 25.88
CA ARG B 176 29.96 12.89 27.08
C ARG B 176 29.28 12.38 28.36
N GLY B 177 28.30 11.47 28.24
CA GLY B 177 27.52 11.00 29.39
C GLY B 177 26.10 10.48 29.05
N PHE B 178 25.31 10.14 30.09
CA PHE B 178 23.85 9.85 29.97
C PHE B 178 23.04 11.04 30.51
N LYS B 179 21.77 11.16 30.10
CA LYS B 179 20.89 12.25 30.58
C LYS B 179 19.40 11.83 30.52
N VAL B 180 18.62 12.11 31.58
CA VAL B 180 17.16 11.83 31.57
C VAL B 180 16.40 13.08 31.08
N THR B 181 15.40 12.90 30.21
CA THR B 181 14.75 14.02 29.47
C THR B 181 13.21 13.89 29.31
N ARG B 182 12.54 15.00 28.91
CA ARG B 182 11.13 15.03 28.45
C ARG B 182 11.04 15.12 26.90
N LEU B 183 9.88 14.75 26.30
CA LEU B 183 9.66 14.93 24.85
C LEU B 183 9.56 16.43 24.40
N GLY B 184 10.28 16.81 23.34
CA GLY B 184 10.20 18.16 22.76
C GLY B 184 9.18 18.22 21.61
N ASN B 185 9.23 19.29 20.79
CA ASN B 185 8.33 19.43 19.62
C ASN B 185 8.92 20.27 18.48
N ARG B 186 8.66 19.87 17.23
CA ARG B 186 9.20 20.66 16.12
C ARG B 186 8.28 20.96 14.90
N HIS B 187 7.16 20.27 14.74
CA HIS B 187 6.37 20.47 13.51
C HIS B 187 5.21 21.47 13.64
N ARG B 188 4.91 21.89 14.87
CA ARG B 188 3.86 22.89 15.10
C ARG B 188 4.15 24.20 14.34
N SER B 189 5.43 24.52 14.16
CA SER B 189 5.86 25.73 13.43
C SER B 189 5.84 25.60 11.90
N ALA B 190 5.90 24.36 11.42
CA ALA B 190 6.10 24.03 10.01
C ALA B 190 5.02 24.51 9.03
N PRO B 191 5.36 25.51 8.19
CA PRO B 191 4.39 26.20 7.32
C PRO B 191 4.05 25.50 5.99
N CYS B 192 2.87 25.84 5.46
CA CYS B 192 2.41 25.43 4.14
C CYS B 192 3.11 26.27 3.06
N LEU B 193 3.66 25.61 2.03
CA LEU B 193 4.30 26.31 0.92
C LEU B 193 3.64 26.02 -0.44
N THR B 194 3.14 27.06 -1.12
CA THR B 194 2.48 26.91 -2.42
C THR B 194 3.43 27.03 -3.63
N GLN B 195 3.54 25.98 -4.46
CA GLN B 195 4.42 25.97 -5.64
C GLN B 195 3.74 25.39 -6.91
N THR B 196 4.49 25.27 -8.02
CA THR B 196 3.98 24.66 -9.26
C THR B 196 4.83 23.49 -9.82
N ASP B 197 4.15 22.45 -10.34
CA ASP B 197 4.82 21.26 -10.89
C ASP B 197 5.37 21.54 -12.31
N PRO B 198 6.06 20.57 -12.94
CA PRO B 198 6.54 20.91 -14.29
C PRO B 198 5.46 21.17 -15.36
N ARG B 199 4.20 21.35 -14.98
CA ARG B 199 3.14 21.76 -15.91
C ARG B 199 2.40 23.01 -15.43
N GLY B 200 2.95 23.67 -14.40
CA GLY B 200 2.30 24.83 -13.83
C GLY B 200 1.09 24.56 -12.95
N HIS B 201 0.85 23.30 -12.59
CA HIS B 201 -0.26 22.95 -11.70
C HIS B 201 0.11 23.08 -10.23
N THR B 202 -0.83 23.61 -9.45
CA THR B 202 -0.60 23.93 -8.03
C THR B 202 -0.35 22.71 -7.14
N ILE B 203 0.76 22.75 -6.37
CA ILE B 203 1.08 21.74 -5.32
C ILE B 203 1.47 22.40 -3.97
N TYR B 204 1.29 21.68 -2.86
CA TYR B 204 1.65 22.14 -1.50
C TYR B 204 2.74 21.30 -0.77
N TRP B 205 3.82 21.92 -0.28
CA TRP B 205 4.79 21.23 0.61
C TRP B 205 4.65 21.66 2.08
N ILE B 206 4.89 20.72 3.01
CA ILE B 206 5.11 20.99 4.44
C ILE B 206 6.61 21.32 4.69
N GLY B 207 6.92 22.59 4.89
CA GLY B 207 8.30 23.09 5.02
C GLY B 207 8.93 22.93 6.39
N PRO B 208 10.26 23.15 6.49
CA PRO B 208 11.06 22.88 7.70
C PRO B 208 10.74 23.77 8.91
N ALA B 209 11.08 23.27 10.09
CA ALA B 209 10.79 23.96 11.35
C ALA B 209 11.61 25.25 11.52
N GLY B 210 10.99 26.28 12.12
CA GLY B 210 11.65 27.56 12.33
C GLY B 210 12.27 27.68 13.72
N PRO B 211 12.73 28.89 14.07
CA PRO B 211 13.42 29.13 15.35
C PRO B 211 12.49 29.05 16.57
N GLU B 212 11.18 29.09 16.32
CA GLU B 212 10.17 29.02 17.38
C GLU B 212 9.95 27.63 18.03
N GLN B 213 10.63 26.59 17.52
CA GLN B 213 10.41 25.22 18.00
C GLN B 213 10.77 25.00 19.48
N ASP B 214 10.19 23.96 20.10
CA ASP B 214 10.43 23.62 21.51
C ASP B 214 11.56 22.58 21.66
N ALA B 215 12.80 23.07 21.74
CA ALA B 215 13.97 22.19 21.74
C ALA B 215 15.15 22.65 22.63
N GLY B 216 14.84 23.33 23.75
CA GLY B 216 15.86 23.82 24.64
C GLY B 216 16.15 22.91 25.83
N PRO B 217 16.85 23.45 26.84
CA PRO B 217 17.31 22.70 28.03
C PRO B 217 16.24 21.80 28.67
N GLY B 218 16.58 20.53 28.86
CA GLY B 218 15.63 19.58 29.39
C GLY B 218 14.98 18.62 28.39
N THR B 219 15.03 18.94 27.09
CA THR B 219 14.38 18.10 26.08
C THR B 219 15.30 17.01 25.51
N ASP B 220 14.70 16.02 24.85
CA ASP B 220 15.44 14.96 24.14
C ASP B 220 16.30 15.51 22.97
N PHE B 221 15.77 16.48 22.22
CA PHE B 221 16.54 17.18 21.16
C PHE B 221 17.87 17.81 21.66
N ASP B 222 17.85 18.56 22.76
CA ASP B 222 19.05 19.27 23.23
C ASP B 222 20.14 18.32 23.77
N ALA B 223 19.74 17.18 24.34
CA ALA B 223 20.75 16.23 24.81
C ALA B 223 21.53 15.60 23.66
N VAL B 224 20.85 15.07 22.65
CA VAL B 224 21.56 14.41 21.55
C VAL B 224 22.37 15.38 20.67
N ARG B 225 21.95 16.64 20.61
CA ARG B 225 22.70 17.69 19.89
C ARG B 225 24.05 18.07 20.55
N ASN B 226 24.14 17.83 21.86
CA ASN B 226 25.36 18.14 22.60
C ASN B 226 26.19 16.89 23.00
N THR B 227 25.95 15.78 22.30
CA THR B 227 26.69 14.49 22.45
C THR B 227 26.47 13.69 23.76
N TYR B 228 25.24 13.63 24.26
CA TYR B 228 24.85 12.77 25.39
C TYR B 228 23.79 11.73 24.93
N ILE B 229 23.75 10.54 25.56
CA ILE B 229 22.68 9.54 25.32
C ILE B 229 21.41 9.97 26.07
N SER B 230 20.27 10.04 25.38
CA SER B 230 18.99 10.41 26.00
C SER B 230 18.08 9.20 26.36
N ILE B 231 17.51 9.23 27.59
CA ILE B 231 16.52 8.27 28.10
C ILE B 231 15.21 8.99 28.56
N THR B 232 14.07 8.72 27.90
CA THR B 232 12.74 9.27 28.28
C THR B 232 11.76 8.16 28.71
N PRO B 233 11.26 8.21 29.97
CA PRO B 233 10.19 7.29 30.41
C PRO B 233 8.78 7.69 29.86
N ILE B 234 8.05 6.76 29.23
CA ILE B 234 6.73 7.09 28.61
C ILE B 234 5.53 6.27 29.10
N HIS B 235 4.30 6.80 28.91
CA HIS B 235 3.04 6.13 29.29
C HIS B 235 2.73 4.86 28.47
N VAL B 236 2.16 3.85 29.13
CA VAL B 236 1.56 2.71 28.41
C VAL B 236 0.00 2.75 28.34
N ASP B 237 -0.66 3.46 29.26
CA ASP B 237 -2.13 3.61 29.33
C ASP B 237 -2.48 5.09 28.97
N LEU B 238 -3.27 5.34 27.92
CA LEU B 238 -3.66 6.75 27.51
C LEU B 238 -4.75 7.44 28.39
N THR B 239 -5.37 6.72 29.35
CA THR B 239 -6.31 7.35 30.30
C THR B 239 -5.68 8.49 31.14
N ARG B 240 -6.28 9.68 31.13
CA ARG B 240 -5.76 10.79 31.95
C ARG B 240 -6.41 10.84 33.34
N TYR B 241 -5.97 9.94 34.24
CA TYR B 241 -6.56 9.76 35.58
C TYR B 241 -6.75 11.07 36.38
N GLN B 242 -5.82 12.01 36.27
CA GLN B 242 -5.92 13.25 37.03
C GLN B 242 -7.00 14.25 36.58
N ALA B 243 -7.76 13.92 35.52
CA ALA B 243 -8.86 14.80 35.07
C ALA B 243 -10.27 14.22 35.33
N LEU B 244 -10.34 13.01 35.88
CA LEU B 244 -11.61 12.28 36.03
C LEU B 244 -12.65 12.93 36.94
N GLU B 245 -12.23 13.46 38.09
CA GLU B 245 -13.14 14.12 39.02
C GLU B 245 -13.76 15.42 38.46
N ASN B 246 -12.93 16.23 37.80
CA ASN B 246 -13.38 17.46 37.13
C ASN B 246 -14.37 17.23 35.97
N VAL B 247 -14.08 16.25 35.11
CA VAL B 247 -14.93 15.92 33.96
C VAL B 247 -16.27 15.31 34.43
N THR B 248 -16.26 14.62 35.59
CA THR B 248 -17.49 14.08 36.18
C THR B 248 -18.48 15.18 36.65
N ARG B 249 -17.96 16.23 37.29
CA ARG B 249 -18.82 17.37 37.65
C ARG B 249 -19.40 18.12 36.45
N TRP B 250 -18.59 18.25 35.39
CA TRP B 250 -18.98 18.94 34.14
C TRP B 250 -20.13 18.22 33.43
N THR B 251 -20.00 16.90 33.32
CA THR B 251 -21.03 16.04 32.76
C THR B 251 -22.32 16.06 33.64
N ASP B 252 -22.17 16.18 34.97
CA ASP B 252 -23.34 16.43 35.84
C ASP B 252 -24.13 17.70 35.47
N ARG B 253 -23.42 18.82 35.27
CA ARG B 253 -24.06 20.10 34.88
C ARG B 253 -24.69 20.07 33.47
N LEU B 254 -24.08 19.32 32.55
CA LEU B 254 -24.63 19.09 31.20
C LEU B 254 -25.98 18.36 31.23
N THR B 255 -26.03 17.25 31.98
CA THR B 255 -27.23 16.44 32.05
C THR B 255 -28.43 17.14 32.73
N ALA B 256 -28.15 18.14 33.57
CA ALA B 256 -29.23 18.91 34.19
C ALA B 256 -29.86 19.91 33.21
N HIS B 257 -29.09 20.32 32.22
CA HIS B 257 -29.57 21.24 31.19
C HIS B 257 -30.53 20.58 30.20
N MET B 258 -30.12 19.46 29.59
CA MET B 258 -31.01 18.77 28.64
C MET B 258 -32.11 17.90 29.29
N ASP B 259 -32.11 17.85 30.62
CA ASP B 259 -33.12 17.11 31.38
C ASP B 259 -33.27 15.66 30.92
N MET C 1 -30.48 -9.35 -23.77
CA MET C 1 -29.50 -10.34 -23.33
C MET C 1 -29.14 -10.17 -21.86
N ARG C 2 -28.28 -11.06 -21.35
CA ARG C 2 -27.78 -11.01 -19.96
C ARG C 2 -26.37 -10.43 -19.90
N VAL C 3 -26.20 -9.33 -19.16
CA VAL C 3 -24.92 -8.63 -19.07
C VAL C 3 -24.30 -8.67 -17.64
N LEU C 4 -22.97 -8.84 -17.54
CA LEU C 4 -22.22 -8.70 -16.28
C LEU C 4 -21.36 -7.41 -16.28
N VAL C 5 -21.49 -6.56 -15.25
CA VAL C 5 -20.79 -5.23 -15.19
C VAL C 5 -19.78 -5.11 -14.00
N SER C 6 -18.57 -4.60 -14.26
CA SER C 6 -17.52 -4.32 -13.24
C SER C 6 -16.80 -2.93 -13.47
N ASN C 7 -15.82 -2.54 -12.63
CA ASN C 7 -14.94 -1.34 -12.83
C ASN C 7 -13.63 -1.36 -11.97
N ASP C 8 -12.80 -0.30 -12.01
CA ASP C 8 -11.72 -0.17 -11.01
C ASP C 8 -11.83 1.00 -9.98
N ASP C 9 -12.79 1.91 -10.15
CA ASP C 9 -12.99 3.03 -9.22
C ASP C 9 -13.81 2.70 -7.96
N GLY C 10 -14.52 1.58 -7.98
CA GLY C 10 -15.34 1.20 -6.82
C GLY C 10 -16.84 1.16 -7.04
N VAL C 11 -17.53 0.37 -6.21
CA VAL C 11 -18.97 0.08 -6.35
C VAL C 11 -19.87 1.31 -6.14
N ASP C 12 -19.39 2.31 -5.38
CA ASP C 12 -20.18 3.54 -5.17
C ASP C 12 -19.88 4.70 -6.15
N ALA C 13 -19.09 4.46 -7.20
CA ALA C 13 -18.71 5.51 -8.16
C ALA C 13 -19.85 6.00 -9.08
N PRO C 14 -19.88 7.31 -9.42
CA PRO C 14 -20.98 7.85 -10.23
C PRO C 14 -21.08 7.21 -11.63
N GLY C 15 -19.94 6.91 -12.25
CA GLY C 15 -19.89 6.29 -13.57
C GLY C 15 -20.46 4.87 -13.73
N ILE C 16 -20.30 4.01 -12.74
CA ILE C 16 -20.84 2.63 -12.84
C ILE C 16 -22.37 2.63 -12.62
N LYS C 17 -22.88 3.54 -11.78
CA LYS C 17 -24.36 3.61 -11.60
C LYS C 17 -25.09 4.08 -12.87
N ILE C 18 -24.57 5.12 -13.52
CA ILE C 18 -25.20 5.62 -14.75
C ILE C 18 -25.21 4.59 -15.90
N LEU C 19 -24.12 3.85 -16.06
CA LEU C 19 -24.04 2.72 -17.04
C LEU C 19 -25.05 1.59 -16.80
N ALA C 20 -25.12 1.09 -15.56
CA ALA C 20 -26.07 0.02 -15.23
C ALA C 20 -27.54 0.39 -15.44
N ASP C 21 -27.94 1.58 -15.01
CA ASP C 21 -29.32 2.06 -15.20
C ASP C 21 -29.77 2.21 -16.66
N ALA C 22 -28.84 2.62 -17.52
CA ALA C 22 -29.11 2.79 -18.95
C ALA C 22 -29.33 1.45 -19.67
N LEU C 23 -28.50 0.46 -19.34
CA LEU C 23 -28.63 -0.90 -19.89
C LEU C 23 -29.98 -1.53 -19.54
N ARG C 24 -30.45 -1.34 -18.30
CA ARG C 24 -31.77 -1.85 -17.88
C ARG C 24 -32.96 -1.12 -18.53
N ASN C 25 -32.82 0.17 -18.79
CA ASN C 25 -33.85 0.93 -19.49
C ASN C 25 -34.09 0.44 -20.91
N ALA C 26 -33.04 -0.06 -21.54
CA ALA C 26 -33.11 -0.55 -22.92
C ALA C 26 -33.54 -2.00 -23.00
N GLY C 27 -34.00 -2.56 -21.89
CA GLY C 27 -34.58 -3.90 -21.88
C GLY C 27 -33.69 -5.10 -21.55
N HIS C 28 -32.48 -4.87 -21.04
CA HIS C 28 -31.55 -5.96 -20.67
C HIS C 28 -31.60 -6.31 -19.18
N GLU C 29 -31.24 -7.56 -18.86
CA GLU C 29 -30.98 -7.99 -17.47
C GLU C 29 -29.54 -7.64 -17.09
N VAL C 30 -29.30 -7.18 -15.84
CA VAL C 30 -27.96 -6.72 -15.37
C VAL C 30 -27.63 -7.09 -13.90
N MET C 31 -26.46 -7.71 -13.69
CA MET C 31 -25.87 -7.95 -12.36
CA MET C 31 -25.90 -7.89 -12.35
C MET C 31 -24.52 -7.18 -12.20
N VAL C 32 -24.29 -6.54 -11.04
CA VAL C 32 -23.01 -5.77 -10.78
C VAL C 32 -22.14 -6.44 -9.68
N VAL C 33 -20.85 -6.68 -9.97
CA VAL C 33 -19.86 -7.19 -9.00
C VAL C 33 -18.55 -6.32 -9.14
N ALA C 34 -18.19 -5.55 -8.10
CA ALA C 34 -17.11 -4.51 -8.18
C ALA C 34 -16.35 -4.25 -6.82
N PRO C 35 -15.14 -3.61 -6.86
CA PRO C 35 -14.35 -3.43 -5.61
C PRO C 35 -15.00 -2.58 -4.50
N ASP C 36 -14.67 -2.87 -3.23
CA ASP C 36 -15.15 -2.07 -2.09
C ASP C 36 -14.57 -0.62 -1.96
N ARG C 37 -13.47 -0.32 -2.65
CA ARG C 37 -12.91 1.05 -2.70
C ARG C 37 -11.94 1.23 -3.91
N ASP C 38 -11.56 2.48 -4.25
CA ASP C 38 -10.71 2.78 -5.44
C ASP C 38 -9.37 2.03 -5.42
N ARG C 39 -9.10 1.30 -6.49
CA ARG C 39 -7.93 0.42 -6.59
C ARG C 39 -6.78 1.02 -7.42
N SER C 40 -7.03 2.18 -8.02
CA SER C 40 -6.02 2.88 -8.81
C SER C 40 -4.73 3.04 -8.01
N GLY C 41 -3.69 2.30 -8.40
CA GLY C 41 -2.42 2.36 -7.68
C GLY C 41 -1.92 1.01 -7.17
N ALA C 42 -2.77 -0.01 -7.30
CA ALA C 42 -2.46 -1.38 -6.84
C ALA C 42 -2.14 -2.38 -7.99
N SER C 43 -1.52 -3.52 -7.66
CA SER C 43 -1.21 -4.58 -8.63
C SER C 43 -2.50 -5.21 -9.16
N ASN C 44 -2.52 -5.61 -10.44
CA ASN C 44 -3.72 -6.25 -11.06
C ASN C 44 -3.83 -7.80 -11.04
N SER C 45 -2.81 -8.51 -10.52
CA SER C 45 -2.79 -10.00 -10.44
C SER C 45 -3.97 -10.66 -9.63
N LEU C 46 -4.33 -11.93 -9.94
CA LEU C 46 -5.27 -12.71 -9.08
C LEU C 46 -4.71 -12.99 -7.66
N THR C 47 -5.61 -13.00 -6.65
CA THR C 47 -5.21 -13.23 -5.25
C THR C 47 -5.25 -14.74 -4.87
N LEU C 48 -4.06 -15.34 -4.68
CA LEU C 48 -3.97 -16.79 -4.39
C LEU C 48 -3.50 -17.21 -2.98
N ASP C 49 -2.82 -16.33 -2.26
CA ASP C 49 -2.24 -16.71 -0.96
C ASP C 49 -3.13 -16.51 0.29
N THR C 50 -4.31 -15.89 0.10
CA THR C 50 -5.22 -15.55 1.22
C THR C 50 -6.68 -15.62 0.73
N PRO C 51 -7.65 -15.81 1.65
CA PRO C 51 -9.08 -15.82 1.28
C PRO C 51 -9.68 -14.40 1.11
N ILE C 52 -10.84 -14.28 0.44
CA ILE C 52 -11.43 -12.99 0.04
C ILE C 52 -12.88 -12.82 0.60
N ARG C 53 -13.20 -11.67 1.20
CA ARG C 53 -14.60 -11.42 1.65
C ARG C 53 -15.53 -10.79 0.58
N ALA C 54 -16.83 -11.10 0.60
CA ALA C 54 -17.79 -10.42 -0.30
C ALA C 54 -19.19 -10.33 0.29
N LYS C 55 -19.91 -9.22 0.05
CA LYS C 55 -21.26 -9.07 0.65
C LYS C 55 -22.33 -8.44 -0.26
N GLN C 56 -23.60 -8.79 -0.02
CA GLN C 56 -24.73 -8.26 -0.79
C GLN C 56 -25.18 -6.85 -0.38
N ILE C 57 -25.23 -5.94 -1.35
CA ILE C 57 -25.65 -4.54 -1.15
CA ILE C 57 -25.66 -4.55 -1.12
C ILE C 57 -27.16 -4.34 -1.41
N ASP C 58 -27.62 -4.82 -2.56
CA ASP C 58 -29.06 -4.86 -2.90
C ASP C 58 -29.33 -6.04 -3.81
N MET C 59 -30.56 -6.18 -4.29
CA MET C 59 -30.92 -7.37 -5.06
C MET C 59 -30.09 -7.60 -6.35
N HIS C 60 -29.39 -6.59 -6.83
CA HIS C 60 -28.62 -6.80 -8.06
C HIS C 60 -27.10 -6.50 -7.91
N THR C 61 -26.61 -6.34 -6.67
CA THR C 61 -25.24 -5.78 -6.43
C THR C 61 -24.43 -6.41 -5.28
N TYR C 62 -23.14 -6.75 -5.56
CA TYR C 62 -22.16 -7.26 -4.60
C TYR C 62 -20.86 -6.39 -4.52
N SER C 63 -20.37 -6.15 -3.31
CA SER C 63 -19.09 -5.46 -3.03
C SER C 63 -17.97 -6.45 -2.58
N VAL C 64 -16.80 -6.40 -3.23
CA VAL C 64 -15.69 -7.36 -3.02
C VAL C 64 -14.37 -6.73 -2.51
N ALA C 65 -13.80 -7.26 -1.42
CA ALA C 65 -12.49 -6.76 -0.90
C ALA C 65 -11.25 -7.37 -1.61
N GLY C 66 -11.02 -6.95 -2.86
CA GLY C 66 -10.02 -7.52 -3.78
C GLY C 66 -9.88 -6.78 -5.12
N THR C 67 -9.11 -7.35 -6.08
CA THR C 67 -8.81 -6.69 -7.39
C THR C 67 -9.97 -6.77 -8.41
N PRO C 68 -9.94 -5.95 -9.49
CA PRO C 68 -10.93 -6.14 -10.60
C PRO C 68 -10.92 -7.54 -11.25
N THR C 69 -9.74 -8.14 -11.46
CA THR C 69 -9.68 -9.55 -11.91
C THR C 69 -10.28 -10.55 -10.91
N ASP C 70 -10.09 -10.33 -9.60
CA ASP C 70 -10.81 -11.14 -8.58
C ASP C 70 -12.37 -11.08 -8.74
N CYS C 71 -12.90 -9.89 -9.03
CA CYS C 71 -14.38 -9.71 -9.15
C CYS C 71 -14.98 -10.56 -10.28
N VAL C 72 -14.41 -10.42 -11.48
CA VAL C 72 -14.88 -11.19 -12.64
C VAL C 72 -14.64 -12.72 -12.48
N HIS C 73 -13.46 -13.12 -11.98
CA HIS C 73 -13.19 -14.56 -11.78
C HIS C 73 -14.21 -15.28 -10.84
N LEU C 74 -14.48 -14.70 -9.67
CA LEU C 74 -15.46 -15.24 -8.74
C LEU C 74 -16.90 -15.30 -9.31
N ALA C 75 -17.35 -14.23 -9.94
CA ALA C 75 -18.72 -14.21 -10.56
C ALA C 75 -18.96 -15.33 -11.58
N LEU C 76 -17.90 -15.72 -12.29
CA LEU C 76 -18.02 -16.73 -13.36
C LEU C 76 -17.75 -18.19 -12.91
N THR C 77 -17.29 -18.41 -11.67
CA THR C 77 -16.86 -19.75 -11.19
C THR C 77 -17.55 -20.27 -9.91
N GLY C 78 -18.72 -19.73 -9.57
CA GLY C 78 -19.45 -20.25 -8.42
C GLY C 78 -20.23 -19.25 -7.57
N LEU C 79 -19.81 -17.98 -7.58
CA LEU C 79 -20.45 -16.94 -6.76
C LEU C 79 -21.92 -16.68 -7.14
N LEU C 80 -22.23 -16.72 -8.45
CA LEU C 80 -23.59 -16.42 -8.94
C LEU C 80 -24.30 -17.62 -9.60
N ASN C 81 -25.63 -17.64 -9.51
CA ASN C 81 -26.49 -18.52 -10.30
C ASN C 81 -27.00 -17.77 -11.54
N TYR C 82 -26.14 -17.62 -12.56
CA TYR C 82 -26.32 -16.65 -13.64
C TYR C 82 -25.37 -17.04 -14.77
N ASP C 83 -25.87 -17.00 -16.00
CA ASP C 83 -25.08 -17.37 -17.19
C ASP C 83 -25.01 -16.24 -18.22
N PRO C 84 -24.06 -15.29 -18.07
CA PRO C 84 -24.05 -14.07 -18.89
C PRO C 84 -23.63 -14.25 -20.37
N ASP C 85 -24.14 -13.36 -21.23
CA ASP C 85 -23.83 -13.36 -22.66
C ASP C 85 -22.55 -12.50 -22.98
N ILE C 86 -22.26 -11.48 -22.16
CA ILE C 86 -21.13 -10.56 -22.43
C ILE C 86 -20.67 -9.81 -21.15
N VAL C 87 -19.43 -9.30 -21.14
CA VAL C 87 -18.85 -8.51 -19.99
C VAL C 87 -18.54 -7.06 -20.41
N VAL C 88 -19.00 -6.05 -19.64
CA VAL C 88 -18.65 -4.60 -19.86
C VAL C 88 -17.98 -3.95 -18.62
N SER C 89 -16.78 -3.37 -18.77
CA SER C 89 -16.04 -2.70 -17.66
C SER C 89 -15.99 -1.15 -17.79
N GLY C 90 -16.44 -0.37 -16.78
CA GLY C 90 -16.53 1.11 -16.90
C GLY C 90 -17.71 1.76 -16.16
N ILE C 91 -18.05 3.05 -16.39
CA ILE C 91 -17.31 4.03 -17.21
C ILE C 91 -16.21 4.71 -16.34
N ASN C 92 -14.91 4.54 -16.69
CA ASN C 92 -13.78 5.16 -15.95
C ASN C 92 -13.76 6.71 -15.93
N ASN C 93 -13.35 7.32 -14.82
CA ASN C 93 -13.41 8.78 -14.69
C ASN C 93 -12.26 9.56 -15.37
N THR C 94 -11.30 8.85 -15.98
CA THR C 94 -10.26 9.46 -16.85
C THR C 94 -9.96 8.58 -18.09
N GLY C 95 -9.22 9.12 -19.06
CA GLY C 95 -8.87 8.35 -20.27
C GLY C 95 -7.87 7.19 -20.08
N ASN C 96 -7.88 6.23 -21.02
CA ASN C 96 -6.90 5.11 -21.06
C ASN C 96 -6.31 4.96 -22.49
N LEU C 97 -5.23 5.68 -22.79
CA LEU C 97 -4.72 5.90 -24.17
C LEU C 97 -3.24 5.47 -24.37
N GLY C 98 -2.86 5.04 -25.58
CA GLY C 98 -1.45 4.78 -25.94
C GLY C 98 -0.68 3.80 -25.04
N ASP C 99 0.49 4.24 -24.53
CA ASP C 99 1.28 3.35 -23.68
CA ASP C 99 1.32 3.42 -23.63
C ASP C 99 0.74 3.18 -22.24
N ASP C 100 -0.40 3.79 -21.93
CA ASP C 100 -1.00 3.56 -20.62
C ASP C 100 -1.84 2.28 -20.59
N VAL C 101 -2.21 1.74 -21.75
CA VAL C 101 -3.18 0.62 -21.83
C VAL C 101 -2.71 -0.71 -21.15
N ILE C 102 -1.46 -1.15 -21.36
CA ILE C 102 -1.05 -2.47 -20.80
C ILE C 102 -1.25 -2.62 -19.27
N TYR C 103 -1.06 -1.55 -18.50
CA TYR C 103 -1.24 -1.65 -17.04
C TYR C 103 -2.55 -1.07 -16.44
N SER C 104 -3.55 -0.77 -17.30
CA SER C 104 -4.86 -0.23 -16.86
C SER C 104 -5.74 -1.22 -16.06
N GLY C 105 -6.23 -0.84 -14.88
CA GLY C 105 -7.13 -1.70 -14.10
C GLY C 105 -8.48 -1.93 -14.78
N THR C 106 -9.01 -0.90 -15.46
CA THR C 106 -10.27 -1.00 -16.22
C THR C 106 -10.16 -2.07 -17.33
N VAL C 107 -9.07 -2.00 -18.10
CA VAL C 107 -8.74 -3.01 -19.12
C VAL C 107 -8.58 -4.46 -18.54
N SER C 108 -8.00 -4.62 -17.35
CA SER C 108 -7.79 -5.96 -16.76
C SER C 108 -9.08 -6.76 -16.47
N ALA C 109 -10.16 -6.07 -16.13
CA ALA C 109 -11.45 -6.81 -15.89
C ALA C 109 -12.04 -7.39 -17.20
N ALA C 110 -11.96 -6.65 -18.29
CA ALA C 110 -12.35 -7.19 -19.62
C ALA C 110 -11.47 -8.35 -20.13
N MET C 111 -10.17 -8.28 -19.90
CA MET C 111 -9.28 -9.39 -20.27
C MET C 111 -9.65 -10.75 -19.61
N GLU C 112 -9.96 -10.73 -18.30
CA GLU C 112 -10.37 -11.96 -17.59
C GLU C 112 -11.69 -12.53 -18.13
N GLY C 113 -12.61 -11.66 -18.57
CA GLY C 113 -13.82 -12.14 -19.25
C GLY C 113 -13.60 -13.02 -20.48
N ARG C 114 -12.72 -12.56 -21.35
CA ARG C 114 -12.41 -13.24 -22.61
C ARG C 114 -11.66 -14.55 -22.38
N PHE C 115 -10.71 -14.52 -21.44
CA PHE C 115 -9.98 -15.73 -20.99
C PHE C 115 -10.92 -16.87 -20.57
N LEU C 116 -12.03 -16.54 -19.92
CA LEU C 116 -13.01 -17.52 -19.45
C LEU C 116 -14.17 -17.74 -20.44
N GLY C 117 -14.00 -17.25 -21.67
CA GLY C 117 -14.86 -17.64 -22.78
C GLY C 117 -16.04 -16.78 -23.22
N LEU C 118 -15.98 -15.47 -22.97
CA LEU C 118 -17.07 -14.55 -23.36
C LEU C 118 -16.51 -13.29 -24.09
N PRO C 119 -17.30 -12.70 -24.99
CA PRO C 119 -16.92 -11.41 -25.62
C PRO C 119 -16.83 -10.27 -24.56
N ALA C 120 -16.01 -9.22 -24.77
CA ALA C 120 -15.78 -8.13 -23.76
C ALA C 120 -15.37 -6.72 -24.29
N VAL C 121 -15.82 -5.67 -23.57
CA VAL C 121 -15.59 -4.23 -23.91
C VAL C 121 -15.17 -3.36 -22.71
N ALA C 122 -14.19 -2.45 -22.88
CA ALA C 122 -13.81 -1.47 -21.87
C ALA C 122 -14.22 -0.06 -22.32
N VAL C 123 -14.80 0.76 -21.42
CA VAL C 123 -15.25 2.14 -21.75
C VAL C 123 -14.71 3.23 -20.77
N SER C 124 -14.11 4.31 -21.29
CA SER C 124 -13.51 5.42 -20.49
C SER C 124 -13.94 6.85 -20.99
N LEU C 125 -14.10 7.82 -20.07
CA LEU C 125 -14.38 9.27 -20.42
C LEU C 125 -13.12 10.18 -20.34
N VAL C 126 -12.80 10.92 -21.40
CA VAL C 126 -11.57 11.75 -21.45
C VAL C 126 -11.75 13.15 -20.78
N THR C 127 -11.69 13.18 -19.45
CA THR C 127 -11.83 14.43 -18.70
C THR C 127 -10.55 15.32 -18.67
N LEU C 128 -10.75 16.64 -18.56
CA LEU C 128 -9.67 17.64 -18.68
C LEU C 128 -9.47 18.55 -17.45
N TYR C 129 -8.21 18.82 -17.09
CA TYR C 129 -7.85 19.63 -15.91
C TYR C 129 -8.36 21.08 -15.95
N ARG C 130 -8.92 21.52 -14.82
CA ARG C 130 -9.54 22.84 -14.72
C ARG C 130 -9.22 23.51 -13.38
N GLN C 133 -16.13 24.14 -11.71
CA GLN C 133 -17.51 23.67 -11.81
C GLN C 133 -17.91 23.39 -13.25
N GLN C 134 -17.84 22.12 -13.65
CA GLN C 134 -18.38 21.66 -14.93
C GLN C 134 -18.60 20.15 -14.84
N ALA C 135 -19.84 19.75 -14.59
CA ALA C 135 -20.19 18.33 -14.40
C ALA C 135 -19.88 17.41 -15.60
N PRO C 136 -19.26 16.26 -15.33
CA PRO C 136 -18.84 15.30 -16.38
C PRO C 136 -20.02 14.71 -17.16
N GLN C 137 -19.82 14.51 -18.46
CA GLN C 137 -20.87 14.03 -19.36
C GLN C 137 -21.00 12.49 -19.44
N TYR C 138 -21.24 11.82 -18.30
CA TYR C 138 -21.41 10.35 -18.26
C TYR C 138 -22.56 9.84 -19.15
N GLU C 139 -23.64 10.63 -19.26
CA GLU C 139 -24.79 10.22 -20.09
C GLU C 139 -24.45 10.03 -21.59
N THR C 140 -23.51 10.85 -22.07
CA THR C 140 -22.98 10.73 -23.44
C THR C 140 -22.24 9.39 -23.69
N ALA C 141 -21.41 8.97 -22.75
CA ALA C 141 -20.68 7.70 -22.89
C ALA C 141 -21.60 6.46 -22.76
N ALA C 142 -22.60 6.54 -21.90
CA ALA C 142 -23.58 5.44 -21.77
C ALA C 142 -24.39 5.24 -23.04
N HIS C 143 -24.69 6.32 -23.77
CA HIS C 143 -25.42 6.22 -25.03
C HIS C 143 -24.65 5.42 -26.09
N ALA C 144 -23.34 5.71 -26.18
CA ALA C 144 -22.46 4.97 -27.08
C ALA C 144 -22.42 3.48 -26.73
N ALA C 145 -22.39 3.18 -25.42
CA ALA C 145 -22.30 1.80 -24.98
C ALA C 145 -23.51 0.93 -25.31
N ILE C 146 -24.73 1.46 -25.17
CA ILE C 146 -25.91 0.62 -25.44
C ILE C 146 -26.02 0.25 -26.93
N ASN C 147 -25.62 1.17 -27.80
CA ASN C 147 -25.66 0.88 -29.23
C ASN C 147 -24.61 -0.18 -29.65
N ILE C 148 -23.42 -0.12 -29.05
CA ILE C 148 -22.38 -1.11 -29.33
C ILE C 148 -22.84 -2.52 -28.89
N VAL C 149 -23.48 -2.62 -27.73
CA VAL C 149 -23.99 -3.91 -27.25
C VAL C 149 -25.05 -4.55 -28.18
N ALA C 150 -26.07 -3.79 -28.57
CA ALA C 150 -27.13 -4.36 -29.43
C ALA C 150 -26.59 -4.79 -30.79
N GLN C 151 -25.55 -4.10 -31.27
CA GLN C 151 -24.94 -4.42 -32.55
C GLN C 151 -24.09 -5.71 -32.53
N LEU C 152 -23.43 -6.00 -31.41
CA LEU C 152 -22.63 -7.23 -31.30
C LEU C 152 -23.54 -8.46 -31.20
N LYS C 153 -24.80 -8.24 -30.87
CA LYS C 153 -25.76 -9.33 -30.69
C LYS C 153 -26.19 -9.94 -32.02
N THR C 154 -26.16 -9.12 -33.07
CA THR C 154 -26.49 -9.57 -34.41
C THR C 154 -25.24 -9.98 -35.18
N ASP C 155 -24.19 -9.17 -35.05
CA ASP C 155 -22.98 -9.32 -35.83
C ASP C 155 -21.79 -9.44 -34.88
N PRO C 156 -21.52 -10.66 -34.38
CA PRO C 156 -20.45 -10.84 -33.41
C PRO C 156 -19.06 -10.67 -34.02
N LEU C 157 -18.04 -10.80 -33.19
CA LEU C 157 -16.66 -10.70 -33.66
C LEU C 157 -15.93 -12.00 -33.40
N PRO C 158 -15.17 -12.47 -34.40
CA PRO C 158 -14.57 -13.81 -34.36
C PRO C 158 -13.26 -13.89 -33.60
N ALA C 159 -12.42 -12.88 -33.74
CA ALA C 159 -11.03 -12.96 -33.30
C ALA C 159 -10.85 -13.23 -31.82
N ASP C 160 -9.65 -13.70 -31.47
CA ASP C 160 -9.15 -13.58 -30.11
C ASP C 160 -8.83 -12.10 -29.87
N THR C 161 -9.87 -11.28 -29.68
CA THR C 161 -9.70 -9.82 -29.51
C THR C 161 -10.74 -9.19 -28.54
N ILE C 162 -10.40 -8.01 -28.00
CA ILE C 162 -11.25 -7.18 -27.12
CA ILE C 162 -11.32 -7.19 -27.20
C ILE C 162 -11.28 -5.72 -27.68
N LEU C 163 -12.38 -4.97 -27.49
CA LEU C 163 -12.41 -3.54 -27.93
C LEU C 163 -12.12 -2.53 -26.78
N ASN C 164 -11.26 -1.53 -27.03
CA ASN C 164 -10.91 -0.44 -26.07
C ASN C 164 -11.49 0.88 -26.59
N VAL C 165 -12.50 1.44 -25.89
CA VAL C 165 -13.25 2.63 -26.35
C VAL C 165 -13.03 3.88 -25.48
N ASN C 166 -12.73 5.05 -26.09
CA ASN C 166 -12.51 6.36 -25.39
C ASN C 166 -13.47 7.45 -25.95
N VAL C 167 -14.17 8.18 -25.07
CA VAL C 167 -15.23 9.17 -25.42
C VAL C 167 -14.94 10.62 -24.93
N PRO C 168 -14.96 11.62 -25.86
CA PRO C 168 -14.79 13.04 -25.51
C PRO C 168 -15.86 13.60 -24.54
N ASP C 169 -15.46 14.48 -23.62
CA ASP C 169 -16.35 15.03 -22.58
C ASP C 169 -17.22 16.24 -23.06
N VAL C 170 -18.16 15.98 -23.97
CA VAL C 170 -19.08 16.99 -24.52
C VAL C 170 -20.52 16.45 -24.61
N THR C 171 -21.49 17.30 -24.97
CA THR C 171 -22.88 16.87 -25.25
C THR C 171 -22.98 16.06 -26.55
N TRP C 172 -23.97 15.18 -26.64
CA TRP C 172 -24.07 14.27 -27.79
C TRP C 172 -24.25 15.02 -29.12
N GLN C 173 -24.93 16.17 -29.07
CA GLN C 173 -25.14 16.95 -30.28
C GLN C 173 -23.85 17.59 -30.82
N GLN C 174 -22.78 17.57 -30.03
CA GLN C 174 -21.52 18.22 -30.39
C GLN C 174 -20.48 17.25 -31.00
N MET C 175 -20.78 15.94 -30.91
CA MET C 175 -19.87 14.88 -31.38
C MET C 175 -19.82 14.77 -32.92
N ARG C 176 -18.66 14.48 -33.47
CA ARG C 176 -18.50 14.49 -34.94
C ARG C 176 -18.64 13.13 -35.66
N GLY C 177 -18.40 12.03 -34.94
CA GLY C 177 -18.53 10.67 -35.48
C GLY C 177 -17.74 9.60 -34.71
N PHE C 178 -17.63 8.39 -35.27
CA PHE C 178 -16.76 7.28 -34.75
C PHE C 178 -15.55 7.05 -35.70
N LYS C 179 -14.38 6.66 -35.15
CA LYS C 179 -13.18 6.36 -35.96
C LYS C 179 -12.39 5.15 -35.44
N VAL C 180 -11.97 4.23 -36.32
CA VAL C 180 -11.09 3.08 -35.93
C VAL C 180 -9.62 3.54 -35.93
N THR C 181 -8.85 3.18 -34.89
CA THR C 181 -7.47 3.73 -34.68
C THR C 181 -6.39 2.67 -34.27
N ARG C 182 -5.10 3.05 -34.35
CA ARG C 182 -3.98 2.28 -33.75
C ARG C 182 -3.52 2.96 -32.43
N LEU C 183 -2.78 2.27 -31.54
CA LEU C 183 -2.23 2.93 -30.33
C LEU C 183 -1.06 3.90 -30.65
N GLY C 184 -1.07 5.08 -30.02
CA GLY C 184 0.01 6.05 -30.15
C GLY C 184 0.98 5.95 -28.98
N ASN C 185 1.87 6.94 -28.84
CA ASN C 185 2.77 7.01 -27.70
CA ASN C 185 2.90 6.97 -27.80
C ASN C 185 3.35 8.40 -27.43
N ARG C 186 3.54 8.69 -26.14
CA ARG C 186 4.00 10.02 -25.75
C ARG C 186 5.07 10.09 -24.66
N HIS C 187 5.55 8.96 -24.17
CA HIS C 187 6.54 9.01 -23.09
C HIS C 187 7.98 8.65 -23.49
N ARG C 188 8.17 8.18 -24.73
CA ARG C 188 9.50 7.94 -25.28
C ARG C 188 10.32 9.24 -25.37
N SER C 189 9.63 10.37 -25.39
CA SER C 189 10.28 11.67 -25.52
C SER C 189 10.46 12.38 -24.16
N ALA C 190 9.91 11.78 -23.11
CA ALA C 190 9.80 12.44 -21.80
C ALA C 190 11.11 12.45 -20.99
N PRO C 191 11.71 13.64 -20.80
CA PRO C 191 13.03 13.82 -20.19
C PRO C 191 13.04 13.89 -18.65
N CYS C 192 14.24 13.78 -18.09
CA CYS C 192 14.42 13.76 -16.64
C CYS C 192 14.98 15.12 -16.18
N LEU C 193 14.25 15.77 -15.26
CA LEU C 193 14.62 17.10 -14.77
C LEU C 193 15.20 17.06 -13.34
N THR C 194 16.31 17.76 -13.09
CA THR C 194 16.90 17.79 -11.75
C THR C 194 16.58 19.05 -10.93
N GLN C 195 16.04 18.90 -9.70
CA GLN C 195 15.71 20.05 -8.81
C GLN C 195 16.12 19.79 -7.35
N THR C 196 15.89 20.77 -6.45
CA THR C 196 16.15 20.64 -4.99
C THR C 196 14.88 20.86 -4.13
N ASP C 197 14.59 19.97 -3.17
CA ASP C 197 13.41 20.08 -2.27
C ASP C 197 13.56 21.13 -1.10
N PRO C 198 12.49 21.35 -0.27
CA PRO C 198 12.61 22.33 0.83
C PRO C 198 13.67 22.07 1.90
N ARG C 199 14.12 20.82 2.05
CA ARG C 199 15.13 20.52 3.09
C ARG C 199 16.55 20.27 2.51
N GLY C 200 16.73 20.47 1.21
CA GLY C 200 18.05 20.46 0.62
C GLY C 200 18.47 19.20 -0.14
N HIS C 201 17.55 18.27 -0.31
CA HIS C 201 17.80 17.04 -1.07
C HIS C 201 17.55 17.17 -2.59
N THR C 202 18.49 16.66 -3.39
CA THR C 202 18.30 16.46 -4.84
C THR C 202 17.11 15.51 -5.16
N ILE C 203 16.22 15.92 -6.08
CA ILE C 203 15.06 15.09 -6.56
C ILE C 203 14.93 15.15 -8.12
N TYR C 204 14.27 14.15 -8.72
CA TYR C 204 14.09 14.05 -10.19
C TYR C 204 12.59 13.98 -10.66
N TRP C 205 12.19 14.78 -11.65
CA TRP C 205 10.81 14.69 -12.22
C TRP C 205 10.86 14.07 -13.64
N ILE C 206 9.89 13.22 -13.99
CA ILE C 206 9.69 12.83 -15.38
C ILE C 206 8.86 13.93 -16.08
N GLY C 207 9.47 14.65 -17.01
CA GLY C 207 8.85 15.83 -17.61
C GLY C 207 7.91 15.61 -18.80
N PRO C 208 7.30 16.70 -19.30
CA PRO C 208 6.33 16.61 -20.39
C PRO C 208 6.96 16.33 -21.75
N ALA C 209 6.21 15.62 -22.60
CA ALA C 209 6.69 15.22 -23.92
C ALA C 209 7.00 16.38 -24.86
N GLY C 210 7.96 16.19 -25.75
CA GLY C 210 8.28 17.19 -26.76
C GLY C 210 7.46 16.99 -28.02
N PRO C 211 7.93 17.57 -29.13
CA PRO C 211 7.24 17.46 -30.43
C PRO C 211 7.66 16.20 -31.19
N GLU C 212 8.58 15.43 -30.61
CA GLU C 212 9.02 14.16 -31.20
C GLU C 212 8.15 12.99 -30.73
N GLN C 213 6.91 13.27 -30.35
CA GLN C 213 5.96 12.24 -29.92
C GLN C 213 5.18 11.67 -31.12
N ASP C 214 4.51 10.52 -30.93
CA ASP C 214 3.74 9.85 -31.97
C ASP C 214 2.23 10.01 -31.69
N ALA C 215 1.67 11.15 -32.09
CA ALA C 215 0.24 11.47 -31.88
C ALA C 215 -0.49 12.19 -33.05
N GLY C 216 -0.08 11.91 -34.29
CA GLY C 216 -0.70 12.48 -35.49
C GLY C 216 -1.77 11.60 -36.15
N PRO C 217 -2.07 11.83 -37.45
CA PRO C 217 -3.18 11.15 -38.17
C PRO C 217 -3.21 9.61 -38.01
N GLY C 218 -4.36 9.05 -37.66
CA GLY C 218 -4.47 7.61 -37.47
C GLY C 218 -4.38 7.10 -36.03
N THR C 219 -3.83 7.89 -35.11
CA THR C 219 -3.66 7.47 -33.70
C THR C 219 -4.89 7.71 -32.79
N ASP C 220 -4.97 6.99 -31.66
CA ASP C 220 -6.02 7.23 -30.65
C ASP C 220 -6.02 8.68 -30.07
N PHE C 221 -4.85 9.19 -29.69
CA PHE C 221 -4.68 10.61 -29.31
C PHE C 221 -5.30 11.67 -30.29
N ASP C 222 -5.04 11.55 -31.60
CA ASP C 222 -5.56 12.50 -32.63
C ASP C 222 -7.10 12.47 -32.79
N ALA C 223 -7.71 11.29 -32.67
CA ALA C 223 -9.17 11.19 -32.77
C ALA C 223 -9.88 11.95 -31.64
N VAL C 224 -9.53 11.66 -30.38
CA VAL C 224 -10.24 12.32 -29.26
C VAL C 224 -9.95 13.84 -29.13
N ARG C 225 -8.76 14.28 -29.56
CA ARG C 225 -8.43 15.73 -29.59
C ARG C 225 -9.31 16.54 -30.56
N ASN C 226 -9.78 15.88 -31.63
CA ASN C 226 -10.65 16.53 -32.63
C ASN C 226 -12.15 16.17 -32.50
N THR C 227 -12.51 15.62 -31.34
CA THR C 227 -13.91 15.36 -30.95
C THR C 227 -14.61 14.21 -31.72
N TYR C 228 -13.90 13.09 -31.91
CA TYR C 228 -14.44 11.82 -32.43
C TYR C 228 -14.30 10.72 -31.35
N ILE C 229 -15.20 9.74 -31.33
CA ILE C 229 -15.06 8.56 -30.44
C ILE C 229 -14.06 7.54 -31.04
N SER C 230 -13.08 7.10 -30.24
CA SER C 230 -12.02 6.17 -30.72
C SER C 230 -12.29 4.71 -30.39
N ILE C 231 -12.20 3.82 -31.40
CA ILE C 231 -12.25 2.34 -31.22
C ILE C 231 -10.95 1.62 -31.71
N THR C 232 -10.19 0.99 -30.78
CA THR C 232 -8.98 0.16 -31.08
C THR C 232 -9.14 -1.35 -30.73
N PRO C 233 -8.91 -2.28 -31.69
CA PRO C 233 -8.87 -3.71 -31.34
C PRO C 233 -7.50 -4.15 -30.77
N ILE C 234 -7.47 -4.92 -29.68
CA ILE C 234 -6.19 -5.27 -29.03
C ILE C 234 -6.02 -6.81 -28.84
N HIS C 235 -4.77 -7.30 -28.67
CA HIS C 235 -4.47 -8.74 -28.46
C HIS C 235 -4.85 -9.23 -27.06
N VAL C 236 -5.29 -10.49 -26.93
CA VAL C 236 -5.35 -11.13 -25.61
C VAL C 236 -4.24 -12.21 -25.32
N ASP C 237 -3.53 -12.69 -26.34
CA ASP C 237 -2.40 -13.67 -26.20
C ASP C 237 -1.08 -12.93 -26.57
N LEU C 238 -0.14 -12.80 -25.62
CA LEU C 238 1.12 -12.07 -25.88
CA LEU C 238 1.12 -12.07 -25.89
C LEU C 238 2.19 -12.87 -26.66
N THR C 239 1.91 -14.13 -27.01
CA THR C 239 2.85 -14.91 -27.87
C THR C 239 3.03 -14.32 -29.29
N ARG C 240 4.27 -14.08 -29.73
CA ARG C 240 4.48 -13.53 -31.10
C ARG C 240 4.74 -14.64 -32.15
N TYR C 241 3.65 -15.19 -32.70
CA TYR C 241 3.71 -16.34 -33.63
C TYR C 241 4.57 -16.09 -34.88
N GLN C 242 4.50 -14.87 -35.43
CA GLN C 242 5.25 -14.55 -36.64
C GLN C 242 6.79 -14.63 -36.47
N ALA C 243 7.25 -14.78 -35.23
CA ALA C 243 8.69 -14.83 -34.94
C ALA C 243 9.25 -16.24 -34.62
N LEU C 244 8.40 -17.24 -34.45
CA LEU C 244 8.85 -18.59 -34.00
C LEU C 244 9.84 -19.32 -34.94
N GLU C 245 9.61 -19.26 -36.25
CA GLU C 245 10.49 -19.95 -37.20
C GLU C 245 11.94 -19.45 -37.17
N ASN C 246 12.12 -18.13 -37.09
CA ASN C 246 13.46 -17.54 -37.03
C ASN C 246 14.23 -17.75 -35.70
N VAL C 247 13.51 -17.66 -34.57
CA VAL C 247 14.10 -17.91 -33.24
C VAL C 247 14.53 -19.39 -33.05
N THR C 248 13.78 -20.32 -33.63
CA THR C 248 14.17 -21.74 -33.62
C THR C 248 15.50 -22.04 -34.38
N ARG C 249 15.66 -21.46 -35.58
CA ARG C 249 16.94 -21.51 -36.29
C ARG C 249 18.09 -21.02 -35.41
N TRP C 250 17.87 -19.87 -34.79
CA TRP C 250 18.80 -19.20 -33.86
C TRP C 250 19.20 -20.10 -32.67
N THR C 251 18.20 -20.66 -32.00
CA THR C 251 18.42 -21.46 -30.80
C THR C 251 19.22 -22.77 -31.08
N ASP C 252 19.01 -23.37 -32.26
CA ASP C 252 19.74 -24.58 -32.63
C ASP C 252 21.24 -24.31 -32.82
N ARG C 253 21.57 -23.13 -33.32
CA ARG C 253 22.96 -22.74 -33.52
C ARG C 253 23.69 -22.59 -32.19
N LEU C 254 23.00 -22.00 -31.22
CA LEU C 254 23.50 -21.85 -29.85
C LEU C 254 23.80 -23.22 -29.23
N THR C 255 22.83 -24.13 -29.30
CA THR C 255 22.98 -25.49 -28.79
C THR C 255 24.24 -26.20 -29.32
N ALA C 256 24.50 -26.07 -30.62
CA ALA C 256 25.63 -26.75 -31.24
C ALA C 256 26.97 -26.13 -30.85
N HIS C 257 26.91 -24.92 -30.32
CA HIS C 257 28.10 -24.20 -29.88
C HIS C 257 28.59 -24.73 -28.52
N MET C 258 27.67 -24.80 -27.56
CA MET C 258 28.01 -25.16 -26.17
C MET C 258 28.29 -26.65 -25.99
N ASP C 259 28.86 -27.01 -24.84
CA ASP C 259 29.18 -28.41 -24.54
C ASP C 259 28.18 -29.00 -23.52
N TRP C 260 28.44 -30.24 -23.11
CA TRP C 260 27.53 -30.99 -22.25
C TRP C 260 26.16 -31.17 -22.89
N MET D 1 30.74 -5.97 -24.65
CA MET D 1 29.82 -4.86 -24.92
C MET D 1 29.40 -4.14 -23.63
N ARG D 2 28.53 -3.13 -23.75
CA ARG D 2 28.06 -2.40 -22.57
C ARG D 2 26.62 -2.80 -22.16
N VAL D 3 26.45 -3.25 -20.91
CA VAL D 3 25.15 -3.74 -20.42
C VAL D 3 24.53 -2.91 -19.26
N LEU D 4 23.21 -2.75 -19.26
CA LEU D 4 22.48 -2.14 -18.13
C LEU D 4 21.58 -3.20 -17.44
N VAL D 5 21.72 -3.39 -16.12
CA VAL D 5 20.98 -4.46 -15.36
C VAL D 5 19.98 -3.90 -14.31
N SER D 6 18.75 -4.48 -14.23
CA SER D 6 17.76 -4.12 -13.21
C SER D 6 17.04 -5.41 -12.68
N ASN D 7 16.07 -5.25 -11.76
CA ASN D 7 15.20 -6.38 -11.27
C ASN D 7 13.87 -5.91 -10.61
N ASP D 8 13.09 -6.83 -10.01
CA ASP D 8 11.97 -6.40 -9.16
C ASP D 8 12.03 -6.80 -7.66
N ASP D 9 12.98 -7.66 -7.28
CA ASP D 9 13.18 -8.10 -5.90
C ASP D 9 13.99 -7.15 -4.99
N GLY D 10 14.64 -6.13 -5.57
CA GLY D 10 15.47 -5.21 -4.79
C GLY D 10 16.99 -5.26 -5.01
N VAL D 11 17.69 -4.15 -4.75
CA VAL D 11 19.13 -3.98 -5.03
C VAL D 11 20.02 -4.90 -4.16
N ASP D 12 19.50 -5.33 -3.00
CA ASP D 12 20.24 -6.23 -2.11
C ASP D 12 19.93 -7.73 -2.26
N ALA D 13 19.18 -8.14 -3.29
CA ALA D 13 18.83 -9.57 -3.45
C ALA D 13 19.97 -10.43 -4.04
N PRO D 14 20.08 -11.72 -3.61
CA PRO D 14 21.21 -12.57 -4.03
C PRO D 14 21.33 -12.81 -5.54
N GLY D 15 20.20 -12.94 -6.25
CA GLY D 15 20.20 -13.19 -7.68
C GLY D 15 20.71 -12.08 -8.62
N ILE D 16 20.50 -10.81 -8.26
CA ILE D 16 21.03 -9.70 -9.09
C ILE D 16 22.55 -9.54 -8.91
N LYS D 17 23.06 -9.83 -7.71
CA LYS D 17 24.52 -9.79 -7.46
C LYS D 17 25.30 -10.87 -8.24
N ILE D 18 24.78 -12.10 -8.23
CA ILE D 18 25.44 -13.20 -8.94
C ILE D 18 25.45 -13.00 -10.48
N LEU D 19 24.38 -12.43 -11.02
CA LEU D 19 24.28 -12.10 -12.45
C LEU D 19 25.30 -11.02 -12.89
N ALA D 20 25.37 -9.91 -12.16
CA ALA D 20 26.29 -8.82 -12.55
C ALA D 20 27.76 -9.24 -12.49
N ASP D 21 28.13 -9.95 -11.42
CA ASP D 21 29.49 -10.51 -11.26
C ASP D 21 29.96 -11.41 -12.42
N ALA D 22 29.10 -12.31 -12.86
CA ALA D 22 29.44 -13.21 -13.99
C ALA D 22 29.64 -12.46 -15.30
N LEU D 23 28.79 -11.46 -15.57
CA LEU D 23 28.90 -10.66 -16.76
C LEU D 23 30.25 -9.92 -16.83
N ARG D 24 30.70 -9.38 -15.70
CA ARG D 24 32.03 -8.73 -15.64
C ARG D 24 33.23 -9.71 -15.79
N ASN D 25 33.11 -10.90 -15.21
CA ASN D 25 34.13 -11.94 -15.33
C ASN D 25 34.39 -12.29 -16.79
N ALA D 26 33.32 -12.20 -17.58
CA ALA D 26 33.34 -12.56 -18.99
C ALA D 26 33.89 -11.46 -19.89
N GLY D 27 34.23 -10.31 -19.29
CA GLY D 27 34.82 -9.22 -20.04
C GLY D 27 33.94 -8.03 -20.42
N HIS D 28 32.70 -7.96 -19.92
CA HIS D 28 31.77 -6.85 -20.26
C HIS D 28 31.83 -5.68 -19.26
N GLU D 29 31.41 -4.50 -19.71
CA GLU D 29 31.16 -3.38 -18.79
C GLU D 29 29.70 -3.45 -18.30
N VAL D 30 29.44 -3.14 -17.02
CA VAL D 30 28.11 -3.33 -16.37
C VAL D 30 27.76 -2.21 -15.37
N MET D 31 26.62 -1.52 -15.56
CA MET D 31 26.05 -0.60 -14.54
C MET D 31 24.70 -1.13 -13.98
N VAL D 32 24.48 -1.05 -12.66
CA VAL D 32 23.22 -1.50 -12.01
C VAL D 32 22.33 -0.34 -11.47
N VAL D 33 21.04 -0.34 -11.82
CA VAL D 33 20.06 0.65 -11.32
C VAL D 33 18.77 -0.13 -10.95
N ALA D 34 18.43 -0.26 -9.64
CA ALA D 34 17.35 -1.15 -9.13
C ALA D 34 16.57 -0.59 -7.88
N PRO D 35 15.35 -1.12 -7.56
CA PRO D 35 14.54 -0.57 -6.44
C PRO D 35 15.18 -0.66 -5.03
N ASP D 36 14.83 0.25 -4.11
CA ASP D 36 15.35 0.18 -2.73
C ASP D 36 14.76 -0.97 -1.84
N ARG D 37 13.64 -1.56 -2.24
CA ARG D 37 13.12 -2.79 -1.62
C ARG D 37 12.24 -3.66 -2.53
N ASP D 38 11.78 -4.81 -2.03
CA ASP D 38 10.98 -5.76 -2.83
C ASP D 38 9.65 -5.16 -3.29
N ARG D 39 9.36 -5.22 -4.59
CA ARG D 39 8.17 -4.57 -5.16
C ARG D 39 7.02 -5.51 -5.60
N SER D 40 7.09 -6.80 -5.28
CA SER D 40 5.97 -7.70 -5.63
C SER D 40 4.68 -7.30 -4.91
N GLY D 41 3.62 -7.05 -5.67
CA GLY D 41 2.34 -6.67 -5.07
C GLY D 41 2.04 -5.22 -5.35
N ALA D 42 3.01 -4.54 -5.95
CA ALA D 42 2.87 -3.14 -6.35
C ALA D 42 2.49 -3.04 -7.84
N SER D 43 1.84 -1.92 -8.20
CA SER D 43 1.50 -1.60 -9.60
C SER D 43 2.75 -1.24 -10.42
N ASN D 44 2.76 -1.60 -11.71
CA ASN D 44 3.95 -1.39 -12.60
C ASN D 44 4.04 -0.03 -13.40
N SER D 45 3.04 0.87 -13.29
CA SER D 45 3.02 2.13 -14.08
C SER D 45 4.23 3.11 -13.84
N LEU D 46 4.51 3.99 -14.81
CA LEU D 46 5.47 5.11 -14.59
C LEU D 46 4.92 6.15 -13.60
N THR D 47 5.77 6.69 -12.73
CA THR D 47 5.37 7.72 -11.74
C THR D 47 5.36 9.16 -12.30
N LEU D 48 4.16 9.76 -12.46
CA LEU D 48 3.99 11.13 -12.98
C LEU D 48 3.48 12.26 -12.01
N ASP D 49 2.78 11.91 -10.93
CA ASP D 49 2.22 12.93 -10.00
C ASP D 49 3.17 13.49 -8.90
N THR D 50 4.32 12.82 -8.66
CA THR D 50 5.28 13.20 -7.62
C THR D 50 6.75 13.03 -8.13
N PRO D 51 7.71 13.72 -7.51
CA PRO D 51 9.15 13.54 -7.82
C PRO D 51 9.75 12.32 -7.10
N ILE D 52 10.89 11.80 -7.60
CA ILE D 52 11.52 10.54 -7.18
C ILE D 52 12.98 10.74 -6.64
N ARG D 53 13.39 10.01 -5.58
CA ARG D 53 14.77 10.13 -5.03
C ARG D 53 15.69 8.96 -5.39
N ALA D 54 16.99 9.21 -5.55
CA ALA D 54 17.97 8.13 -5.83
C ALA D 54 19.33 8.38 -5.16
N LYS D 55 20.04 7.30 -4.79
CA LYS D 55 21.36 7.48 -4.17
C LYS D 55 22.45 6.51 -4.63
N GLN D 56 23.68 7.00 -4.70
CA GLN D 56 24.81 6.17 -5.14
C GLN D 56 25.32 5.23 -4.03
N ILE D 57 25.41 3.95 -4.35
CA ILE D 57 25.88 2.95 -3.42
CA ILE D 57 25.88 2.95 -3.42
C ILE D 57 27.39 2.71 -3.58
N ASP D 58 27.83 2.44 -4.82
CA ASP D 58 29.27 2.39 -5.15
C ASP D 58 29.49 2.88 -6.57
N MET D 59 30.72 2.81 -7.09
CA MET D 59 31.01 3.38 -8.42
C MET D 59 30.18 2.79 -9.57
N HIS D 60 29.57 1.62 -9.37
CA HIS D 60 28.78 1.01 -10.44
C HIS D 60 27.29 0.80 -10.12
N THR D 61 26.81 1.31 -8.97
CA THR D 61 25.45 0.97 -8.46
C THR D 61 24.64 2.14 -7.84
N TYR D 62 23.36 2.25 -8.21
CA TYR D 62 22.38 3.24 -7.67
C TYR D 62 21.09 2.54 -7.16
N SER D 63 20.53 3.02 -6.03
CA SER D 63 19.26 2.52 -5.40
C SER D 63 18.15 3.59 -5.54
N VAL D 64 16.99 3.21 -6.12
CA VAL D 64 15.89 4.17 -6.45
C VAL D 64 14.55 3.94 -5.68
N ALA D 65 13.98 4.97 -5.05
CA ALA D 65 12.64 4.81 -4.42
C ALA D 65 11.45 4.90 -5.39
N GLY D 66 11.33 3.92 -6.29
CA GLY D 66 10.27 3.85 -7.31
C GLY D 66 10.04 2.47 -7.95
N THR D 67 9.28 2.40 -9.05
CA THR D 67 8.96 1.10 -9.75
C THR D 67 10.14 0.63 -10.64
N PRO D 68 10.15 -0.66 -11.09
CA PRO D 68 11.15 -1.12 -12.09
C PRO D 68 11.12 -0.35 -13.43
N THR D 69 9.93 0.06 -13.91
CA THR D 69 9.89 0.97 -15.06
C THR D 69 10.52 2.36 -14.80
N ASP D 70 10.35 2.93 -13.59
CA ASP D 70 11.01 4.18 -13.21
C ASP D 70 12.56 4.04 -13.29
N CYS D 71 13.09 2.91 -12.81
CA CYS D 71 14.58 2.66 -12.82
C CYS D 71 15.22 2.70 -14.22
N VAL D 72 14.69 1.90 -15.15
CA VAL D 72 15.17 1.90 -16.56
C VAL D 72 14.92 3.27 -17.30
N HIS D 73 13.72 3.87 -17.12
CA HIS D 73 13.44 5.20 -17.75
C HIS D 73 14.44 6.29 -17.34
N LEU D 74 14.68 6.48 -16.04
CA LEU D 74 15.64 7.51 -15.59
C LEU D 74 17.08 7.21 -16.07
N ALA D 75 17.48 5.93 -16.01
CA ALA D 75 18.83 5.55 -16.51
C ALA D 75 19.11 5.92 -17.98
N LEU D 76 18.08 5.86 -18.84
CA LEU D 76 18.25 6.14 -20.27
C LEU D 76 17.95 7.58 -20.74
N THR D 77 17.39 8.44 -19.87
CA THR D 77 17.04 9.83 -20.24
C THR D 77 17.72 10.94 -19.45
N GLY D 78 18.88 10.68 -18.86
CA GLY D 78 19.60 11.75 -18.19
C GLY D 78 20.30 11.47 -16.87
N LEU D 79 19.96 10.38 -16.19
CA LEU D 79 20.59 10.05 -14.91
C LEU D 79 22.08 9.66 -15.05
N LEU D 80 22.43 8.95 -16.13
CA LEU D 80 23.79 8.44 -16.33
C LEU D 80 24.46 9.02 -17.59
N ASN D 81 25.79 9.10 -17.57
CA ASN D 81 26.58 9.40 -18.76
C ASN D 81 27.09 8.07 -19.32
N TYR D 82 26.26 7.35 -20.09
CA TYR D 82 26.50 5.93 -20.44
C TYR D 82 25.60 5.59 -21.64
N ASP D 83 26.16 4.92 -22.65
CA ASP D 83 25.35 4.53 -23.83
C ASP D 83 25.29 3.01 -24.03
N PRO D 84 24.30 2.34 -23.38
CA PRO D 84 24.32 0.86 -23.41
C PRO D 84 23.90 0.22 -24.75
N ASP D 85 24.38 -1.00 -25.00
CA ASP D 85 23.99 -1.80 -26.16
C ASP D 85 22.73 -2.67 -25.93
N ILE D 86 22.47 -3.06 -24.68
CA ILE D 86 21.37 -4.02 -24.32
C ILE D 86 20.89 -3.91 -22.84
N VAL D 87 19.64 -4.31 -22.54
CA VAL D 87 19.10 -4.38 -21.16
C VAL D 87 18.82 -5.86 -20.73
N VAL D 88 19.28 -6.28 -19.54
CA VAL D 88 18.93 -7.61 -18.94
C VAL D 88 18.29 -7.47 -17.53
N SER D 89 17.08 -8.05 -17.30
CA SER D 89 16.34 -7.95 -16.00
C SER D 89 16.24 -9.30 -15.22
N GLY D 90 16.61 -9.35 -13.93
CA GLY D 90 16.66 -10.64 -13.17
C GLY D 90 17.90 -10.78 -12.26
N ILE D 91 18.31 -11.99 -11.81
CA ILE D 91 17.56 -13.27 -11.92
C ILE D 91 16.44 -13.33 -10.87
N ASN D 92 15.17 -13.44 -11.29
CA ASN D 92 14.02 -13.55 -10.32
C ASN D 92 14.03 -14.85 -9.44
N ASN D 93 13.61 -14.73 -8.18
CA ASN D 93 13.58 -15.89 -7.24
C ASN D 93 12.44 -16.93 -7.38
N THR D 94 11.47 -16.66 -8.26
CA THR D 94 10.42 -17.63 -8.69
C THR D 94 10.18 -17.60 -10.23
N GLY D 95 9.42 -18.58 -10.76
CA GLY D 95 9.13 -18.63 -12.20
C GLY D 95 8.13 -17.58 -12.72
N ASN D 96 8.21 -17.25 -14.02
CA ASN D 96 7.22 -16.35 -14.69
C ASN D 96 6.63 -17.02 -15.97
N LEU D 97 5.54 -17.78 -15.79
CA LEU D 97 5.03 -18.67 -16.84
C LEU D 97 3.53 -18.42 -17.22
N GLY D 98 3.17 -18.71 -18.47
CA GLY D 98 1.77 -18.66 -18.90
C GLY D 98 0.97 -17.38 -18.60
N ASP D 99 -0.15 -17.51 -17.88
N ASP D 99 -0.13 -17.53 -17.86
CA ASP D 99 -1.00 -16.36 -17.54
CA ASP D 99 -1.01 -16.41 -17.51
C ASP D 99 -0.39 -15.36 -16.55
C ASP D 99 -0.40 -15.38 -16.54
N ASP D 100 0.78 -15.67 -16.03
CA ASP D 100 1.43 -14.76 -15.10
C ASP D 100 2.23 -13.64 -15.83
N VAL D 101 2.49 -13.81 -17.12
CA VAL D 101 3.41 -12.90 -17.85
C VAL D 101 2.96 -11.41 -17.99
N ILE D 102 1.71 -11.14 -18.38
CA ILE D 102 1.31 -9.73 -18.61
C ILE D 102 1.47 -8.83 -17.37
N TYR D 103 1.32 -9.38 -16.15
CA TYR D 103 1.47 -8.50 -14.98
C TYR D 103 2.79 -8.63 -14.14
N SER D 104 3.81 -9.32 -14.69
CA SER D 104 5.12 -9.53 -14.01
C SER D 104 6.00 -8.25 -13.89
N GLY D 105 6.49 -7.93 -12.68
CA GLY D 105 7.40 -6.76 -12.54
C GLY D 105 8.75 -6.95 -13.25
N THR D 106 9.25 -8.20 -13.24
CA THR D 106 10.52 -8.55 -13.91
C THR D 106 10.43 -8.27 -15.43
N VAL D 107 9.31 -8.69 -16.03
CA VAL D 107 9.02 -8.40 -17.47
C VAL D 107 8.88 -6.88 -17.77
N SER D 108 8.28 -6.10 -16.86
CA SER D 108 8.06 -4.65 -17.12
C SER D 108 9.36 -3.85 -17.33
N ALA D 109 10.45 -4.23 -16.66
CA ALA D 109 11.72 -3.47 -16.88
C ALA D 109 12.33 -3.72 -18.27
N ALA D 110 12.22 -4.96 -18.78
CA ALA D 110 12.66 -5.26 -20.15
C ALA D 110 11.82 -4.55 -21.22
N MET D 111 10.51 -4.46 -21.00
CA MET D 111 9.61 -3.70 -21.90
C MET D 111 10.06 -2.23 -22.10
N GLU D 112 10.35 -1.52 -21.00
CA GLU D 112 10.82 -0.11 -21.10
C GLU D 112 12.15 0.04 -21.89
N GLY D 113 12.99 -1.00 -21.84
CA GLY D 113 14.18 -1.08 -22.68
C GLY D 113 13.93 -0.94 -24.17
N ARG D 114 13.00 -1.74 -24.69
CA ARG D 114 12.69 -1.78 -26.12
C ARG D 114 11.95 -0.55 -26.61
N PHE D 115 10.94 -0.12 -25.85
CA PHE D 115 10.24 1.17 -26.09
C PHE D 115 11.21 2.33 -26.35
N LEU D 116 12.34 2.32 -25.65
CA LEU D 116 13.34 3.37 -25.79
C LEU D 116 14.45 2.97 -26.78
N GLY D 117 14.23 1.89 -27.54
CA GLY D 117 15.07 1.55 -28.70
C GLY D 117 16.24 0.58 -28.57
N LEU D 118 16.22 -0.31 -27.58
CA LEU D 118 17.31 -1.27 -27.36
C LEU D 118 16.78 -2.73 -27.26
N PRO D 119 17.61 -3.74 -27.61
CA PRO D 119 17.17 -5.14 -27.45
C PRO D 119 17.11 -5.56 -25.95
N ALA D 120 16.29 -6.55 -25.57
CA ALA D 120 16.08 -6.86 -24.14
C ALA D 120 15.65 -8.32 -23.76
N VAL D 121 16.09 -8.76 -22.58
CA VAL D 121 15.88 -10.14 -22.07
C VAL D 121 15.45 -10.18 -20.59
N ALA D 122 14.44 -11.00 -20.24
CA ALA D 122 14.07 -11.31 -18.84
C ALA D 122 14.50 -12.75 -18.46
N VAL D 123 15.07 -12.94 -17.26
CA VAL D 123 15.51 -14.29 -16.78
C VAL D 123 14.96 -14.65 -15.36
N SER D 124 14.36 -15.86 -15.23
CA SER D 124 13.72 -16.35 -13.98
C SER D 124 14.10 -17.82 -13.57
N LEU D 125 14.26 -18.12 -12.27
CA LEU D 125 14.56 -19.52 -11.80
C LEU D 125 13.33 -20.22 -11.19
N VAL D 126 13.02 -21.42 -11.65
CA VAL D 126 11.79 -22.13 -11.27
C VAL D 126 11.95 -22.92 -9.94
N THR D 127 11.88 -22.19 -8.81
CA THR D 127 12.04 -22.81 -7.48
C THR D 127 10.77 -23.58 -7.03
N LEU D 128 10.96 -24.63 -6.22
CA LEU D 128 9.86 -25.46 -5.70
C LEU D 128 9.75 -25.48 -4.16
N TYR D 129 8.52 -25.43 -3.66
CA TYR D 129 8.25 -25.36 -2.21
C TYR D 129 8.73 -26.62 -1.46
N ARG D 130 9.39 -26.41 -0.33
CA ARG D 130 9.86 -27.50 0.53
C ARG D 130 9.44 -27.30 1.98
N GLU D 131 10.18 -27.95 2.88
CA GLU D 131 9.93 -27.86 4.30
C GLU D 131 11.14 -27.19 4.96
N GLY D 132 12.32 -27.80 4.78
CA GLY D 132 13.56 -27.25 5.32
C GLY D 132 14.30 -26.36 4.34
N GLN D 133 15.61 -26.56 4.24
CA GLN D 133 16.46 -25.71 3.41
C GLN D 133 17.23 -26.48 2.34
N GLN D 134 17.34 -25.84 1.16
CA GLN D 134 18.12 -26.35 0.03
C GLN D 134 18.43 -25.15 -0.86
N ALA D 135 19.70 -24.75 -0.90
CA ALA D 135 20.11 -23.50 -1.57
C ALA D 135 19.92 -23.49 -3.10
N PRO D 136 19.27 -22.44 -3.64
CA PRO D 136 18.92 -22.31 -5.06
C PRO D 136 20.14 -22.18 -5.98
N GLN D 137 20.04 -22.72 -7.20
CA GLN D 137 21.17 -22.77 -8.12
C GLN D 137 21.23 -21.56 -9.06
N TYR D 138 21.45 -20.37 -8.48
CA TYR D 138 21.58 -19.13 -9.26
C TYR D 138 22.77 -19.21 -10.25
N GLU D 139 23.81 -19.96 -9.91
CA GLU D 139 24.98 -20.10 -10.79
C GLU D 139 24.60 -20.74 -12.14
N THR D 140 23.72 -21.76 -12.08
CA THR D 140 23.16 -22.39 -13.29
C THR D 140 22.46 -21.38 -14.26
N ALA D 141 21.63 -20.49 -13.72
CA ALA D 141 20.95 -19.49 -14.57
C ALA D 141 21.88 -18.42 -15.18
N ALA D 142 22.91 -18.04 -14.43
CA ALA D 142 23.90 -17.06 -14.92
C ALA D 142 24.70 -17.57 -16.13
N HIS D 143 25.10 -18.85 -16.08
CA HIS D 143 25.83 -19.48 -17.19
C HIS D 143 25.03 -19.45 -18.50
N ALA D 144 23.72 -19.66 -18.39
CA ALA D 144 22.85 -19.57 -19.57
C ALA D 144 22.80 -18.14 -20.10
N ALA D 145 22.64 -17.16 -19.21
CA ALA D 145 22.50 -15.76 -19.63
C ALA D 145 23.75 -15.19 -20.33
N ILE D 146 24.95 -15.54 -19.87
CA ILE D 146 26.16 -15.03 -20.56
C ILE D 146 26.35 -15.61 -21.97
N ASN D 147 25.92 -16.84 -22.19
CA ASN D 147 26.02 -17.43 -23.53
C ASN D 147 24.98 -16.84 -24.52
N ILE D 148 23.78 -16.53 -24.02
CA ILE D 148 22.76 -15.85 -24.81
C ILE D 148 23.20 -14.44 -25.25
N VAL D 149 23.79 -13.67 -24.32
CA VAL D 149 24.27 -12.32 -24.59
C VAL D 149 25.39 -12.26 -25.66
N ALA D 150 26.39 -13.14 -25.55
CA ALA D 150 27.49 -13.12 -26.51
C ALA D 150 27.01 -13.42 -27.94
N GLN D 151 26.05 -14.33 -28.06
CA GLN D 151 25.54 -14.76 -29.36
C GLN D 151 24.66 -13.72 -30.08
N LEU D 152 23.96 -12.91 -29.30
CA LEU D 152 23.13 -11.82 -29.86
C LEU D 152 23.98 -10.81 -30.62
N LYS D 153 25.28 -10.81 -30.33
CA LYS D 153 26.24 -9.97 -31.04
C LYS D 153 26.72 -10.59 -32.35
N THR D 154 27.17 -11.83 -32.32
CA THR D 154 27.74 -12.46 -33.52
C THR D 154 26.67 -12.86 -34.56
N ASP D 155 25.41 -12.88 -34.16
CA ASP D 155 24.31 -13.19 -35.07
C ASP D 155 23.02 -12.53 -34.63
N PRO D 156 22.85 -11.25 -34.96
CA PRO D 156 21.79 -10.37 -34.43
C PRO D 156 20.38 -10.76 -34.87
N LEU D 157 19.41 -10.60 -33.97
CA LEU D 157 18.01 -10.84 -34.25
C LEU D 157 17.33 -9.50 -34.48
N PRO D 158 16.16 -9.51 -35.16
CA PRO D 158 15.37 -8.27 -35.33
C PRO D 158 15.00 -7.66 -33.98
N ALA D 159 14.62 -6.38 -33.99
CA ALA D 159 14.43 -5.62 -32.76
C ALA D 159 12.97 -5.20 -32.50
N ASP D 160 12.03 -6.12 -32.68
CA ASP D 160 10.62 -5.84 -32.47
C ASP D 160 9.94 -6.89 -31.57
N THR D 161 10.70 -7.40 -30.60
CA THR D 161 10.21 -8.41 -29.68
C THR D 161 11.17 -8.49 -28.49
N ILE D 162 10.72 -9.15 -27.43
CA ILE D 162 11.51 -9.42 -26.24
C ILE D 162 11.60 -10.95 -26.00
N LEU D 163 12.72 -11.44 -25.44
CA LEU D 163 12.85 -12.88 -25.10
C LEU D 163 12.55 -13.18 -23.58
N ASN D 164 11.55 -14.03 -23.27
CA ASN D 164 11.23 -14.46 -21.87
C ASN D 164 11.79 -15.88 -21.54
N VAL D 165 12.78 -15.96 -20.64
CA VAL D 165 13.58 -17.17 -20.37
C VAL D 165 13.29 -17.74 -18.93
N ASN D 166 13.00 -19.05 -18.83
CA ASN D 166 12.76 -19.78 -17.55
C ASN D 166 13.73 -21.02 -17.36
N VAL D 167 14.43 -21.10 -16.21
CA VAL D 167 15.50 -22.09 -15.96
C VAL D 167 15.18 -23.08 -14.79
N PRO D 168 15.15 -24.42 -15.07
CA PRO D 168 14.98 -25.45 -14.01
C PRO D 168 16.00 -25.36 -12.86
N ASP D 169 15.56 -25.61 -11.61
CA ASP D 169 16.42 -25.47 -10.41
C ASP D 169 17.30 -26.71 -10.14
N VAL D 170 18.35 -26.91 -10.95
CA VAL D 170 19.27 -28.06 -10.82
C VAL D 170 20.74 -27.68 -11.14
N THR D 171 21.67 -28.61 -10.98
CA THR D 171 23.06 -28.42 -11.42
C THR D 171 23.13 -28.56 -12.93
N TRP D 172 24.12 -27.92 -13.55
CA TRP D 172 24.20 -27.86 -15.02
C TRP D 172 24.36 -29.24 -15.64
N GLN D 173 24.93 -30.16 -14.88
CA GLN D 173 25.22 -31.49 -15.38
C GLN D 173 23.97 -32.33 -15.60
N GLN D 174 22.83 -31.83 -15.11
CA GLN D 174 21.54 -32.50 -15.26
C GLN D 174 20.68 -31.97 -16.42
N MET D 175 21.00 -30.78 -16.93
CA MET D 175 20.19 -30.14 -17.98
C MET D 175 20.23 -30.94 -19.29
N ARG D 176 19.12 -30.94 -20.04
CA ARG D 176 19.03 -31.75 -21.26
C ARG D 176 19.14 -30.94 -22.58
N GLY D 177 18.96 -29.62 -22.51
CA GLY D 177 19.04 -28.75 -23.69
C GLY D 177 18.15 -27.50 -23.63
N PHE D 178 17.93 -26.83 -24.77
CA PHE D 178 17.04 -25.64 -24.91
C PHE D 178 15.80 -25.99 -25.76
N LYS D 179 14.66 -25.30 -25.57
CA LYS D 179 13.48 -25.47 -26.45
C LYS D 179 12.70 -24.15 -26.70
N VAL D 180 12.25 -23.90 -27.93
CA VAL D 180 11.38 -22.71 -28.20
C VAL D 180 9.88 -23.05 -28.05
N THR D 181 9.13 -22.18 -27.35
CA THR D 181 7.75 -22.49 -26.89
C THR D 181 6.71 -21.35 -27.06
N ARG D 182 5.42 -21.66 -26.86
CA ARG D 182 4.32 -20.65 -26.71
C ARG D 182 3.82 -20.58 -25.25
N LEU D 183 3.06 -19.54 -24.90
CA LEU D 183 2.47 -19.41 -23.55
C LEU D 183 1.33 -20.43 -23.28
N GLY D 184 1.39 -21.14 -22.15
CA GLY D 184 0.29 -21.99 -21.70
C GLY D 184 -0.78 -21.22 -20.89
N ASN D 185 -1.78 -21.94 -20.37
CA ASN D 185 -2.79 -21.38 -19.46
C ASN D 185 -3.13 -22.38 -18.35
N ARG D 186 -3.46 -21.91 -17.15
CA ARG D 186 -3.74 -22.85 -16.05
C ARG D 186 -4.78 -22.46 -14.98
N HIS D 187 -5.44 -21.32 -15.12
CA HIS D 187 -6.38 -20.89 -14.06
C HIS D 187 -7.81 -20.66 -14.52
N ARG D 188 -8.09 -20.96 -15.79
CA ARG D 188 -9.45 -21.00 -16.33
C ARG D 188 -10.27 -22.08 -15.61
N SER D 189 -9.57 -23.05 -15.01
CA SER D 189 -10.22 -24.18 -14.38
C SER D 189 -10.62 -23.95 -12.91
N ALA D 190 -10.11 -22.87 -12.30
CA ALA D 190 -10.19 -22.67 -10.83
C ALA D 190 -11.57 -22.31 -10.27
N PRO D 191 -12.30 -23.32 -9.71
CA PRO D 191 -13.71 -23.25 -9.28
C PRO D 191 -13.87 -23.05 -7.77
N CYS D 192 -14.33 -21.85 -7.38
CA CYS D 192 -14.21 -21.34 -6.01
C CYS D 192 -14.77 -22.19 -4.86
N LEU D 193 -14.17 -22.01 -3.68
CA LEU D 193 -14.47 -22.83 -2.50
C LEU D 193 -15.03 -21.94 -1.37
N THR D 194 -16.13 -22.37 -0.75
CA THR D 194 -16.80 -21.58 0.30
C THR D 194 -16.52 -22.04 1.74
N GLN D 195 -16.05 -21.12 2.61
CA GLN D 195 -15.74 -21.42 4.03
C GLN D 195 -16.21 -20.35 5.06
N THR D 196 -16.01 -20.65 6.36
CA THR D 196 -16.27 -19.71 7.47
C THR D 196 -15.02 -19.43 8.36
N ASP D 197 -14.69 -18.15 8.60
CA ASP D 197 -13.52 -17.76 9.43
C ASP D 197 -13.76 -17.82 10.97
N PRO D 198 -12.72 -17.55 11.82
CA PRO D 198 -12.96 -17.69 13.26
C PRO D 198 -13.92 -16.70 13.93
N ARG D 199 -14.30 -15.63 13.24
CA ARG D 199 -15.27 -14.68 13.82
C ARG D 199 -16.69 -14.80 13.22
N GLY D 200 -16.92 -15.81 12.37
CA GLY D 200 -18.24 -16.06 11.83
C GLY D 200 -18.57 -15.51 10.44
N HIS D 201 -17.61 -14.87 9.76
CA HIS D 201 -17.83 -14.34 8.40
C HIS D 201 -17.65 -15.41 7.30
N THR D 202 -18.54 -15.38 6.30
CA THR D 202 -18.38 -16.18 5.08
C THR D 202 -17.16 -15.72 4.22
N ILE D 203 -16.21 -16.61 3.90
CA ILE D 203 -15.04 -16.25 3.05
C ILE D 203 -14.90 -17.20 1.81
N TYR D 204 -14.19 -16.74 0.77
CA TYR D 204 -14.00 -17.47 -0.50
C TYR D 204 -12.52 -17.66 -0.94
N TRP D 205 -12.11 -18.90 -1.26
CA TRP D 205 -10.76 -19.19 -1.82
C TRP D 205 -10.79 -19.45 -3.35
N ILE D 206 -9.85 -18.89 -4.11
CA ILE D 206 -9.70 -19.30 -5.51
C ILE D 206 -9.13 -20.72 -5.57
N GLY D 207 -9.77 -21.60 -6.33
CA GLY D 207 -9.38 -23.00 -6.36
C GLY D 207 -8.02 -23.33 -6.97
N PRO D 208 -7.46 -24.49 -6.60
CA PRO D 208 -6.27 -25.05 -7.25
C PRO D 208 -6.59 -25.58 -8.65
N ALA D 209 -5.58 -25.61 -9.53
CA ALA D 209 -5.78 -25.97 -10.93
C ALA D 209 -6.04 -27.47 -11.11
N GLY D 210 -7.07 -27.81 -11.89
CA GLY D 210 -7.43 -29.19 -12.13
C GLY D 210 -6.63 -29.83 -13.26
N PRO D 211 -7.19 -30.89 -13.87
CA PRO D 211 -6.52 -31.57 -15.00
C PRO D 211 -6.91 -31.01 -16.37
N GLU D 212 -7.99 -30.23 -16.42
CA GLU D 212 -8.45 -29.63 -17.68
C GLU D 212 -7.67 -28.37 -18.08
N GLN D 213 -6.40 -28.28 -17.68
CA GLN D 213 -5.57 -27.12 -18.01
C GLN D 213 -4.84 -27.29 -19.34
N ASP D 214 -4.31 -26.19 -19.89
CA ASP D 214 -3.56 -26.22 -21.16
C ASP D 214 -2.03 -26.19 -20.92
N ALA D 215 -1.46 -27.36 -20.64
CA ALA D 215 -0.02 -27.41 -20.32
C ALA D 215 0.72 -28.55 -21.00
N GLY D 216 0.32 -28.89 -22.22
CA GLY D 216 0.87 -30.05 -22.91
C GLY D 216 2.00 -29.72 -23.87
N PRO D 217 2.25 -30.62 -24.84
CA PRO D 217 3.40 -30.54 -25.74
C PRO D 217 3.40 -29.23 -26.52
N GLY D 218 4.52 -28.52 -26.52
CA GLY D 218 4.62 -27.24 -27.19
C GLY D 218 4.62 -26.02 -26.27
N THR D 219 4.11 -26.18 -25.04
CA THR D 219 3.96 -25.06 -24.11
C THR D 219 5.20 -24.82 -23.22
N ASP D 220 5.27 -23.64 -22.60
CA ASP D 220 6.32 -23.36 -21.60
C ASP D 220 6.28 -24.27 -20.35
N PHE D 221 5.08 -24.51 -19.79
CA PHE D 221 4.92 -25.50 -18.69
C PHE D 221 5.56 -26.88 -18.97
N ASP D 222 5.31 -27.46 -20.14
CA ASP D 222 5.74 -28.86 -20.43
C ASP D 222 7.27 -29.00 -20.59
N ALA D 223 7.90 -27.96 -21.13
CA ALA D 223 9.35 -27.96 -21.31
C ALA D 223 10.10 -27.98 -19.98
N VAL D 224 9.76 -27.06 -19.07
CA VAL D 224 10.45 -26.99 -17.78
C VAL D 224 10.20 -28.22 -16.89
N ARG D 225 9.01 -28.83 -17.03
CA ARG D 225 8.68 -30.06 -16.30
C ARG D 225 9.57 -31.24 -16.69
N ASN D 226 10.08 -31.22 -17.92
CA ASN D 226 10.96 -32.28 -18.41
C ASN D 226 12.46 -31.96 -18.41
N THR D 227 12.85 -30.90 -17.71
CA THR D 227 14.26 -30.51 -17.49
C THR D 227 14.98 -29.83 -18.68
N TYR D 228 14.23 -29.02 -19.44
CA TYR D 228 14.75 -28.17 -20.52
C TYR D 228 14.60 -26.66 -20.19
N ILE D 229 15.52 -25.82 -20.68
CA ILE D 229 15.36 -24.34 -20.57
C ILE D 229 14.37 -23.83 -21.63
N SER D 230 13.38 -23.03 -21.22
CA SER D 230 12.32 -22.50 -22.12
C SER D 230 12.58 -21.04 -22.57
N ILE D 231 12.46 -20.79 -23.89
CA ILE D 231 12.54 -19.44 -24.51
C ILE D 231 11.27 -19.09 -25.35
N THR D 232 10.50 -18.05 -24.96
CA THR D 232 9.30 -17.59 -25.72
C THR D 232 9.43 -16.15 -26.24
N PRO D 233 9.23 -15.90 -27.57
CA PRO D 233 9.27 -14.50 -28.06
C PRO D 233 7.90 -13.81 -27.87
N ILE D 234 7.87 -12.60 -27.29
CA ILE D 234 6.58 -11.94 -26.97
C ILE D 234 6.41 -10.55 -27.65
N HIS D 235 5.16 -10.10 -27.84
CA HIS D 235 4.83 -8.78 -28.43
C HIS D 235 5.23 -7.60 -27.55
N VAL D 236 5.63 -6.49 -28.16
CA VAL D 236 5.74 -5.23 -27.45
C VAL D 236 4.67 -4.15 -27.80
N ASP D 237 3.90 -4.35 -28.87
CA ASP D 237 2.81 -3.43 -29.29
C ASP D 237 1.46 -4.20 -29.21
N LEU D 238 0.55 -3.76 -28.33
CA LEU D 238 -0.77 -4.44 -28.14
C LEU D 238 -1.81 -4.21 -29.25
N THR D 239 -1.51 -3.35 -30.23
CA THR D 239 -2.39 -3.22 -31.42
C THR D 239 -2.53 -4.52 -32.26
N ARG D 240 -3.76 -4.96 -32.50
CA ARG D 240 -3.99 -6.15 -33.35
C ARG D 240 -4.22 -5.80 -34.85
N TYR D 241 -3.12 -5.56 -35.60
CA TYR D 241 -3.17 -5.18 -37.04
C TYR D 241 -3.96 -6.11 -37.95
N GLN D 242 -3.89 -7.41 -37.70
CA GLN D 242 -4.63 -8.37 -38.53
C GLN D 242 -6.17 -8.26 -38.41
N ALA D 243 -6.66 -7.50 -37.43
CA ALA D 243 -8.12 -7.28 -37.30
C ALA D 243 -8.67 -5.89 -37.76
N LEU D 244 -7.80 -4.98 -38.18
CA LEU D 244 -8.25 -3.61 -38.54
C LEU D 244 -9.26 -3.54 -39.71
N GLU D 245 -8.98 -4.24 -40.81
CA GLU D 245 -9.86 -4.15 -41.99
C GLU D 245 -11.28 -4.64 -41.68
N ASN D 246 -11.40 -5.68 -40.88
CA ASN D 246 -12.71 -6.22 -40.52
C ASN D 246 -13.53 -5.33 -39.56
N VAL D 247 -12.84 -4.71 -38.61
CA VAL D 247 -13.49 -3.87 -37.59
C VAL D 247 -14.02 -2.56 -38.20
N THR D 248 -13.34 -2.09 -39.26
CA THR D 248 -13.78 -0.91 -40.01
C THR D 248 -15.13 -1.12 -40.73
N ARG D 249 -15.31 -2.29 -41.35
CA ARG D 249 -16.58 -2.62 -42.00
C ARG D 249 -17.70 -2.79 -40.98
N TRP D 250 -17.36 -3.33 -39.81
CA TRP D 250 -18.28 -3.47 -38.68
C TRP D 250 -18.78 -2.09 -38.22
N THR D 251 -17.85 -1.14 -38.04
CA THR D 251 -18.16 0.21 -37.55
C THR D 251 -18.98 1.00 -38.58
N ASP D 252 -18.83 0.64 -39.86
CA ASP D 252 -19.65 1.25 -40.93
C ASP D 252 -21.14 0.84 -40.81
N ARG D 253 -21.40 -0.44 -40.63
CA ARG D 253 -22.78 -0.92 -40.45
C ARG D 253 -23.42 -0.37 -39.16
N LEU D 254 -22.60 -0.06 -38.16
CA LEU D 254 -23.10 0.53 -36.91
C LEU D 254 -23.69 1.92 -37.13
N THR D 255 -22.91 2.80 -37.78
CA THR D 255 -23.31 4.18 -37.94
C THR D 255 -24.45 4.38 -38.93
N ALA D 256 -24.56 3.49 -39.91
CA ALA D 256 -25.66 3.58 -40.87
C ALA D 256 -26.99 3.27 -40.18
N HIS D 257 -26.92 2.44 -39.14
CA HIS D 257 -28.08 2.00 -38.39
C HIS D 257 -28.70 3.12 -37.54
N MET D 258 -27.95 3.61 -36.56
CA MET D 258 -28.44 4.65 -35.66
C MET D 258 -28.73 5.97 -36.37
N ASP D 259 -27.82 6.37 -37.26
CA ASP D 259 -27.99 7.61 -38.02
C ASP D 259 -27.48 7.44 -39.45
MN MN E . -12.88 4.65 9.70
I IOD F . -0.20 4.18 12.81
I IOD G . 1.92 12.21 34.52
CL CL H . -10.91 5.00 12.88
MN MN I . 12.48 2.00 10.62
I IOD J . -2.40 10.49 35.07
CL CL K . 10.61 3.53 13.36
MN MN L . -9.80 4.32 -12.42
I IOD M . 0.07 -4.12 -12.89
I IOD N . 1.17 -12.82 -34.38
CL CL O . -8.05 2.45 -15.28
MN MN P . 9.94 -10.83 -7.85
I IOD Q . -0.76 -8.58 -35.68
CL CL R . 8.22 -10.93 -11.25
#